data_4MB2
#
_entry.id   4MB2
#
_cell.length_a   266.428
_cell.length_b   60.909
_cell.length_c   75.241
_cell.angle_alpha   90.00
_cell.angle_beta   92.38
_cell.angle_gamma   90.00
#
_symmetry.space_group_name_H-M   'C 1 2 1'
#
loop_
_entity.id
_entity.type
_entity.pdbx_description
1 polymer 'Phosphopantothenate synthetase'
2 non-polymer "ADENOSINE-5'-TRIPHOSPHATE"
3 non-polymer 'MAGNESIUM ION'
4 water water
#
_entity_poly.entity_id   1
_entity_poly.type   'polypeptide(L)'
_entity_poly.pdbx_seq_one_letter_code
;MVKIPKSHPRYWSLYYREKIIEGMEKGMTAKAGLIAHGRGEAFDYLIGERTIEPAERAMRAAVAKLLLAENPVVSVNGNV
AALVPKETIELARALNAKLEINLFYRTEDRVKAIAEELRKYDPEIELLGINPTKRIPGLEHERGKVDENGIWKADVVVVP
LEDGDRTEALVRMGKFVITIDLNPLSRSARMADITIVDNIVRAYPRMTELAREMKDYSRGELIRIIEEYDNGKTLNDVLL
HIRDRLTKLAEGGIWRKKQLD
;
_entity_poly.pdbx_strand_id   A,B,C,D
#
loop_
_chem_comp.id
_chem_comp.type
_chem_comp.name
_chem_comp.formula
ATP non-polymer ADENOSINE-5'-TRIPHOSPHATE 'C10 H16 N5 O13 P3'
MG non-polymer 'MAGNESIUM ION' 'Mg 2'
#
# COMPACT_ATOMS: atom_id res chain seq x y z
N PRO A 9 1.79 9.19 7.40
CA PRO A 9 2.02 7.77 7.59
C PRO A 9 2.83 7.12 6.47
N ARG A 10 4.10 7.53 6.37
CA ARG A 10 5.24 6.63 6.55
C ARG A 10 5.74 6.66 8.00
N TYR A 11 4.92 6.18 8.93
CA TYR A 11 5.06 6.55 10.34
C TYR A 11 6.29 5.91 10.95
N TRP A 12 6.45 4.62 10.70
CA TRP A 12 7.45 3.85 11.43
C TRP A 12 8.86 4.19 10.94
N SER A 13 8.98 4.45 9.65
CA SER A 13 10.22 4.89 9.05
C SER A 13 10.69 6.15 9.74
N LEU A 14 9.77 7.10 9.82
CA LEU A 14 10.03 8.34 10.53
C LEU A 14 10.24 8.13 12.02
N TYR A 15 9.42 7.30 12.64
CA TYR A 15 9.61 6.97 14.06
C TYR A 15 11.03 6.48 14.33
N TYR A 16 11.57 5.63 13.47
CA TYR A 16 12.89 5.10 13.77
C TYR A 16 13.99 6.07 13.42
N ARG A 17 13.72 6.95 12.47
CA ARG A 17 14.66 8.05 12.18
C ARG A 17 14.85 8.94 13.41
N GLU A 18 13.78 9.16 14.16
CA GLU A 18 13.89 9.99 15.36
C GLU A 18 14.70 9.23 16.41
N LYS A 19 14.46 7.93 16.49
CA LYS A 19 15.11 7.10 17.50
C LYS A 19 16.61 7.08 17.29
N ILE A 20 17.05 7.07 16.02
CA ILE A 20 18.48 6.98 15.73
C ILE A 20 19.13 8.33 16.02
N ILE A 21 18.37 9.40 15.78
CA ILE A 21 18.86 10.75 16.03
C ILE A 21 18.95 11.03 17.53
N GLU A 22 17.92 10.64 18.26
CA GLU A 22 17.99 10.70 19.72
C GLU A 22 19.10 9.82 20.21
N GLY A 23 19.39 8.75 19.46
CA GLY A 23 20.46 7.86 19.83
C GLY A 23 21.78 8.61 19.93
N MET A 24 22.02 9.51 18.98
CA MET A 24 23.26 10.26 18.93
C MET A 24 23.23 11.41 19.94
N GLU A 25 22.05 11.94 20.18
CA GLU A 25 21.89 12.97 21.21
C GLU A 25 22.26 12.38 22.58
N LYS A 26 21.88 11.13 22.79
CA LYS A 26 22.18 10.42 24.03
C LYS A 26 23.63 9.95 24.12
N GLY A 27 24.38 10.08 23.04
CA GLY A 27 25.77 9.67 23.04
C GLY A 27 25.96 8.20 22.72
N MET A 28 24.84 7.51 22.50
CA MET A 28 24.85 6.07 22.23
C MET A 28 25.35 5.74 20.83
N THR A 29 24.95 6.55 19.85
CA THR A 29 25.14 6.22 18.45
C THR A 29 25.94 7.30 17.72
N ALA A 30 27.00 6.86 17.06
CA ALA A 30 27.96 7.75 16.41
C ALA A 30 27.38 8.30 15.12
N LYS A 31 28.07 9.29 14.56
CA LYS A 31 27.66 9.92 13.30
C LYS A 31 27.58 8.91 12.18
N ALA A 32 28.60 8.05 12.06
CA ALA A 32 28.61 7.02 11.02
C ALA A 32 27.33 6.19 11.09
N GLY A 33 26.78 6.09 12.28
CA GLY A 33 25.71 5.17 12.55
C GLY A 33 24.44 5.71 11.95
N LEU A 34 24.36 7.03 11.86
CA LEU A 34 23.24 7.70 11.19
C LEU A 34 23.26 7.48 9.68
N ILE A 35 24.44 7.62 9.08
CA ILE A 35 24.62 7.22 7.70
C ILE A 35 24.24 5.76 7.52
N ALA A 36 24.70 4.91 8.42
CA ALA A 36 24.45 3.50 8.24
C ALA A 36 22.94 3.23 8.31
N HIS A 37 22.24 3.97 9.15
CA HIS A 37 20.80 3.82 9.27
C HIS A 37 20.17 4.10 7.91
N GLY A 38 20.75 5.04 7.20
CA GLY A 38 20.16 5.48 5.96
C GLY A 38 20.34 4.43 4.91
N ARG A 39 21.56 3.89 4.83
CA ARG A 39 21.85 2.73 4.01
C ARG A 39 20.87 1.59 4.23
N GLY A 40 20.63 1.25 5.49
CA GLY A 40 19.64 0.26 5.83
C GLY A 40 18.30 0.56 5.19
N GLU A 41 17.86 1.80 5.35
CA GLU A 41 16.57 2.22 4.76
C GLU A 41 16.52 2.02 3.24
N ALA A 42 17.62 2.33 2.57
CA ALA A 42 17.66 2.20 1.13
C ALA A 42 17.31 0.76 0.76
N PHE A 43 17.98 -0.20 1.37
CA PHE A 43 17.62 -1.60 1.12
C PHE A 43 16.22 -1.98 1.60
N ASP A 44 15.73 -1.36 2.67
CA ASP A 44 14.38 -1.66 3.13
C ASP A 44 13.37 -1.21 2.08
N TYR A 45 13.66 -0.10 1.41
CA TYR A 45 12.88 0.34 0.27
C TYR A 45 12.83 -0.73 -0.82
N LEU A 46 13.97 -1.36 -1.11
CA LEU A 46 14.04 -2.38 -2.17
C LEU A 46 13.25 -3.61 -1.79
N ILE A 47 13.35 -4.00 -0.51
CA ILE A 47 12.71 -5.21 -0.05
C ILE A 47 11.21 -5.03 0.10
N GLY A 48 10.79 -3.79 0.32
CA GLY A 48 9.39 -3.50 0.54
C GLY A 48 9.03 -3.35 2.00
N GLU A 49 10.03 -3.00 2.81
CA GLU A 49 9.80 -2.64 4.21
C GLU A 49 8.93 -3.66 4.93
N ARG A 50 9.25 -4.92 4.75
CA ARG A 50 8.60 -5.95 5.55
C ARG A 50 9.48 -7.15 5.75
N THR A 51 8.97 -8.12 6.51
CA THR A 51 9.70 -9.32 6.77
C THR A 51 9.32 -10.32 5.71
N ILE A 52 10.23 -10.60 4.80
CA ILE A 52 9.95 -11.54 3.75
C ILE A 52 10.30 -12.95 4.15
N GLU A 53 9.90 -13.89 3.31
CA GLU A 53 9.89 -15.29 3.73
C GLU A 53 11.32 -15.79 4.02
N PRO A 54 12.30 -15.35 3.22
CA PRO A 54 13.69 -15.81 3.37
C PRO A 54 14.35 -15.30 4.64
N ALA A 55 13.84 -14.20 5.17
CA ALA A 55 14.26 -13.71 6.46
C ALA A 55 13.54 -14.43 7.60
N GLU A 56 12.30 -14.80 7.34
CA GLU A 56 11.57 -15.66 8.25
C GLU A 56 12.27 -17.00 8.33
N ARG A 57 12.81 -17.45 7.21
CA ARG A 57 13.47 -18.74 7.12
C ARG A 57 14.81 -18.71 7.87
N ALA A 58 15.57 -17.66 7.66
CA ALA A 58 16.86 -17.51 8.30
C ALA A 58 16.68 -17.39 9.81
N MET A 59 15.67 -16.66 10.23
CA MET A 59 15.40 -16.41 11.65
C MET A 59 15.01 -17.69 12.41
N ARG A 60 14.17 -18.53 11.79
CA ARG A 60 13.92 -19.86 12.33
C ARG A 60 15.23 -20.60 12.59
N ALA A 61 16.06 -20.64 11.55
CA ALA A 61 17.27 -21.44 11.63
C ALA A 61 18.18 -20.81 12.68
N ALA A 62 18.08 -19.51 12.85
CA ALA A 62 18.98 -18.81 13.74
C ALA A 62 18.60 -19.09 15.19
N VAL A 63 17.31 -19.04 15.45
CA VAL A 63 16.79 -19.31 16.76
C VAL A 63 17.02 -20.78 17.19
N ALA A 64 16.77 -21.71 16.29
CA ALA A 64 17.18 -23.09 16.56
C ALA A 64 18.63 -23.14 16.98
N LYS A 65 19.51 -22.52 16.20
CA LYS A 65 20.95 -22.61 16.48
C LYS A 65 21.21 -22.01 17.85
N LEU A 66 20.53 -20.91 18.16
CA LEU A 66 20.76 -20.23 19.39
C LEU A 66 20.28 -21.02 20.61
N LEU A 67 19.18 -21.75 20.44
CA LEU A 67 18.61 -22.57 21.50
C LEU A 67 19.46 -23.82 21.77
N LEU A 68 20.18 -24.31 20.78
CA LEU A 68 21.12 -25.42 21.02
C LEU A 68 22.52 -24.96 21.44
N ALA A 69 22.77 -23.67 21.43
CA ALA A 69 24.11 -23.21 21.69
C ALA A 69 24.49 -23.47 23.16
N GLU A 70 25.79 -23.65 23.43
CA GLU A 70 26.31 -23.74 24.82
C GLU A 70 26.57 -22.37 25.39
N ASN A 71 26.98 -21.43 24.55
CA ASN A 71 27.48 -20.16 25.05
C ASN A 71 27.07 -18.97 24.17
N PRO A 72 25.77 -18.86 23.87
CA PRO A 72 25.21 -17.83 22.97
C PRO A 72 25.35 -16.43 23.52
N VAL A 73 25.75 -15.50 22.66
CA VAL A 73 25.90 -14.10 23.00
C VAL A 73 25.26 -13.24 21.91
N VAL A 74 24.37 -12.33 22.29
CA VAL A 74 23.88 -11.31 21.37
C VAL A 74 24.58 -9.99 21.63
N SER A 75 25.08 -9.41 20.53
CA SER A 75 25.97 -8.29 20.60
C SER A 75 25.17 -7.03 20.37
N VAL A 76 25.57 -5.94 21.02
CA VAL A 76 24.88 -4.67 20.92
C VAL A 76 25.85 -3.55 20.55
N ASN A 77 25.50 -2.75 19.55
CA ASN A 77 26.25 -1.56 19.22
C ASN A 77 25.37 -0.34 19.42
N GLY A 78 25.87 0.82 19.01
CA GLY A 78 25.16 2.08 19.15
C GLY A 78 23.84 2.15 18.42
N ASN A 79 23.74 1.49 17.28
CA ASN A 79 22.53 1.57 16.46
C ASN A 79 21.47 0.67 17.06
N VAL A 80 21.88 -0.49 17.53
CA VAL A 80 20.94 -1.45 18.11
C VAL A 80 20.35 -0.91 19.42
N ALA A 81 21.16 -0.16 20.14
CA ALA A 81 20.74 0.40 21.41
C ALA A 81 19.72 1.51 21.16
N ALA A 82 19.87 2.21 20.04
CA ALA A 82 19.00 3.33 19.74
C ALA A 82 17.65 2.84 19.26
N LEU A 83 17.60 1.62 18.73
CA LEU A 83 16.45 1.21 17.92
C LEU A 83 15.61 0.17 18.65
N VAL A 84 16.30 -0.75 19.31
CA VAL A 84 15.62 -1.85 19.97
C VAL A 84 16.27 -2.22 21.31
N PRO A 85 16.58 -1.24 22.15
CA PRO A 85 17.01 -1.58 23.51
C PRO A 85 16.10 -2.61 24.19
N LYS A 86 14.81 -2.33 24.26
CA LYS A 86 13.89 -3.22 24.95
C LYS A 86 13.97 -4.60 24.35
N GLU A 87 13.93 -4.67 23.03
CA GLU A 87 13.74 -5.94 22.35
C GLU A 87 15.02 -6.77 22.39
N THR A 88 16.16 -6.09 22.44
CA THR A 88 17.40 -6.84 22.41
C THR A 88 17.54 -7.58 23.74
N ILE A 89 17.12 -6.94 24.83
CA ILE A 89 17.09 -7.60 26.14
C ILE A 89 16.12 -8.80 26.16
N GLU A 90 14.92 -8.59 25.65
CA GLU A 90 13.97 -9.66 25.58
C GLU A 90 14.55 -10.87 24.81
N LEU A 91 15.16 -10.60 23.66
CA LEU A 91 15.68 -11.65 22.79
C LEU A 91 16.71 -12.50 23.54
N ALA A 92 17.61 -11.83 24.22
CA ALA A 92 18.63 -12.47 25.05
C ALA A 92 18.05 -13.33 26.17
N ARG A 93 17.09 -12.82 26.93
CA ARG A 93 16.51 -13.59 28.03
C ARG A 93 15.77 -14.79 27.47
N ALA A 94 15.03 -14.57 26.41
CA ALA A 94 14.34 -15.64 25.76
C ALA A 94 15.30 -16.72 25.20
N LEU A 95 16.54 -16.36 24.91
CA LEU A 95 17.50 -17.32 24.35
C LEU A 95 18.41 -17.87 25.47
N ASN A 96 18.23 -17.35 26.68
CA ASN A 96 19.23 -17.52 27.73
C ASN A 96 20.64 -17.25 27.21
N ALA A 97 20.82 -16.07 26.66
CA ALA A 97 22.08 -15.70 26.07
C ALA A 97 22.60 -14.51 26.82
N LYS A 98 23.90 -14.30 26.75
CA LYS A 98 24.51 -13.12 27.34
C LYS A 98 24.41 -11.95 26.40
N LEU A 99 24.56 -10.77 26.96
CA LEU A 99 24.43 -9.52 26.25
C LEU A 99 25.81 -8.85 26.30
N GLU A 100 26.41 -8.58 25.14
CA GLU A 100 27.69 -7.89 25.13
C GLU A 100 27.59 -6.60 24.34
N ILE A 101 27.92 -5.50 24.99
CA ILE A 101 28.13 -4.25 24.32
C ILE A 101 29.40 -4.36 23.54
N ASN A 102 29.32 -4.13 22.23
CA ASN A 102 30.45 -4.37 21.33
C ASN A 102 30.32 -3.49 20.10
N LEU A 103 31.21 -2.51 19.98
CA LEU A 103 31.05 -1.52 18.94
C LEU A 103 32.38 -1.05 18.38
N PHE A 104 32.33 -0.42 17.21
CA PHE A 104 33.54 -0.10 16.44
C PHE A 104 34.19 1.17 16.98
N TYR A 105 33.38 2.22 17.14
CA TYR A 105 33.88 3.49 17.66
C TYR A 105 33.80 3.48 19.18
N ARG A 106 34.64 2.65 19.80
CA ARG A 106 34.50 2.37 21.22
C ARG A 106 34.94 3.57 22.04
N THR A 107 34.06 4.00 22.94
CA THR A 107 34.33 5.11 23.85
C THR A 107 33.72 4.75 25.18
N GLU A 108 34.39 5.09 26.27
CA GLU A 108 33.83 4.80 27.59
C GLU A 108 32.48 5.51 27.78
N ASP A 109 32.34 6.70 27.22
CA ASP A 109 31.11 7.46 27.30
C ASP A 109 29.95 6.83 26.56
N ARG A 110 30.25 6.20 25.42
CA ARG A 110 29.21 5.61 24.58
C ARG A 110 28.75 4.29 25.17
N VAL A 111 29.72 3.55 25.71
CA VAL A 111 29.43 2.33 26.44
C VAL A 111 28.54 2.61 27.64
N LYS A 112 28.88 3.64 28.40
CA LYS A 112 28.07 4.01 29.56
C LYS A 112 26.67 4.41 29.11
N ALA A 113 26.61 5.22 28.06
CA ALA A 113 25.34 5.66 27.52
C ALA A 113 24.48 4.46 27.13
N ILE A 114 25.11 3.47 26.51
CA ILE A 114 24.39 2.30 26.05
C ILE A 114 23.96 1.51 27.26
N ALA A 115 24.87 1.39 28.23
CA ALA A 115 24.57 0.63 29.45
C ALA A 115 23.33 1.15 30.16
N GLU A 116 23.30 2.45 30.42
CA GLU A 116 22.17 3.06 31.11
C GLU A 116 20.89 2.84 30.33
N GLU A 117 20.95 3.04 29.02
CA GLU A 117 19.78 2.87 28.17
C GLU A 117 19.26 1.43 28.24
N LEU A 118 20.18 0.46 28.29
CA LEU A 118 19.74 -0.91 28.49
C LEU A 118 19.20 -1.12 29.94
N ARG A 119 19.85 -0.47 30.91
CA ARG A 119 19.43 -0.60 32.31
C ARG A 119 18.04 -0.04 32.56
N LYS A 120 17.61 0.93 31.76
CA LYS A 120 16.24 1.41 31.82
C LYS A 120 15.21 0.27 31.81
N TYR A 121 15.35 -0.66 30.87
CA TYR A 121 14.30 -1.66 30.64
C TYR A 121 14.54 -2.92 31.46
N ASP A 122 15.71 -2.98 32.07
CA ASP A 122 16.07 -4.12 32.92
C ASP A 122 17.31 -3.76 33.73
N PRO A 123 17.09 -3.26 34.96
CA PRO A 123 18.18 -2.65 35.72
C PRO A 123 19.13 -3.70 36.25
N GLU A 124 18.71 -4.96 36.21
CA GLU A 124 19.47 -6.03 36.83
C GLU A 124 20.08 -6.97 35.79
N ILE A 125 19.97 -6.60 34.52
CA ILE A 125 20.60 -7.35 33.43
C ILE A 125 22.13 -7.28 33.57
N GLU A 126 22.81 -8.42 33.41
CA GLU A 126 24.27 -8.40 33.36
C GLU A 126 24.77 -8.01 31.97
N LEU A 127 25.60 -6.97 31.92
CA LEU A 127 26.14 -6.48 30.67
C LEU A 127 27.63 -6.77 30.57
N LEU A 128 27.97 -7.70 29.70
CA LEU A 128 29.34 -7.87 29.25
C LEU A 128 29.81 -6.74 28.34
N GLY A 129 31.12 -6.64 28.14
CA GLY A 129 31.71 -5.68 27.23
C GLY A 129 31.80 -4.28 27.83
N ILE A 130 31.59 -4.17 29.13
CA ILE A 130 31.87 -2.91 29.83
C ILE A 130 33.37 -2.65 29.92
N ASN A 131 34.14 -3.68 30.26
CA ASN A 131 35.60 -3.58 30.23
C ASN A 131 36.23 -4.83 29.63
N PRO A 132 36.00 -5.06 28.35
CA PRO A 132 36.52 -6.29 27.74
C PRO A 132 38.03 -6.32 27.82
N THR A 133 38.58 -7.52 27.94
CA THR A 133 40.00 -7.71 28.19
C THR A 133 40.68 -8.54 27.10
N LYS A 134 39.89 -9.27 26.32
CA LYS A 134 40.41 -10.10 25.25
C LYS A 134 40.28 -9.36 23.94
N ARG A 135 41.10 -9.70 22.95
CA ARG A 135 40.86 -9.19 21.60
C ARG A 135 40.82 -10.26 20.54
N ILE A 136 39.91 -10.06 19.59
CA ILE A 136 39.99 -10.71 18.29
C ILE A 136 41.24 -10.21 17.59
N PRO A 137 42.09 -11.15 17.14
CA PRO A 137 43.26 -10.72 16.41
C PRO A 137 42.91 -10.33 14.98
N GLY A 138 43.69 -9.43 14.39
CA GLY A 138 43.55 -9.12 12.97
C GLY A 138 42.60 -7.96 12.72
N LEU A 139 42.25 -7.24 13.78
CA LEU A 139 41.48 -6.01 13.65
C LEU A 139 42.30 -4.85 14.19
N GLU A 140 41.63 -3.90 14.83
CA GLU A 140 42.31 -2.87 15.59
C GLU A 140 41.97 -3.08 17.05
N HIS A 141 42.68 -2.42 17.95
CA HIS A 141 42.41 -2.59 19.37
C HIS A 141 41.00 -2.10 19.69
N GLU A 142 40.58 -1.02 19.04
CA GLU A 142 39.31 -0.38 19.38
C GLU A 142 38.15 -0.88 18.51
N ARG A 143 38.46 -1.80 17.61
CA ARG A 143 37.42 -2.47 16.81
C ARG A 143 37.21 -3.90 17.28
N GLY A 144 38.03 -4.35 18.23
CA GLY A 144 38.39 -5.77 18.35
C GLY A 144 38.27 -6.31 19.76
N LYS A 145 37.89 -5.45 20.69
CA LYS A 145 37.77 -5.85 22.08
C LYS A 145 36.57 -6.80 22.23
N VAL A 146 36.79 -7.87 22.99
CA VAL A 146 35.73 -8.81 23.29
C VAL A 146 35.89 -9.31 24.70
N ASP A 147 34.77 -9.70 25.29
CA ASP A 147 34.73 -9.90 26.71
C ASP A 147 35.04 -11.35 26.99
N GLU A 148 35.84 -11.58 28.03
CA GLU A 148 36.34 -12.92 28.33
C GLU A 148 35.22 -13.93 28.48
N ASN A 149 34.10 -13.51 29.08
CA ASN A 149 33.01 -14.43 29.34
C ASN A 149 31.91 -14.37 28.29
N GLY A 150 32.08 -13.48 27.30
CA GLY A 150 31.11 -13.34 26.25
C GLY A 150 31.60 -13.90 24.93
N ILE A 151 31.86 -13.01 23.99
CA ILE A 151 32.20 -13.41 22.66
C ILE A 151 33.45 -14.30 22.64
N TRP A 152 34.42 -13.97 23.49
CA TRP A 152 35.66 -14.74 23.57
C TRP A 152 35.40 -16.22 23.70
N LYS A 153 34.47 -16.59 24.57
CA LYS A 153 34.21 -18.01 24.81
C LYS A 153 32.96 -18.57 24.11
N ALA A 154 32.34 -17.78 23.25
CA ALA A 154 31.07 -18.16 22.63
C ALA A 154 31.27 -19.26 21.60
N ASP A 155 30.26 -20.11 21.43
CA ASP A 155 30.14 -20.89 20.21
C ASP A 155 29.29 -20.18 19.17
N VAL A 156 28.30 -19.41 19.61
CA VAL A 156 27.37 -18.74 18.68
C VAL A 156 27.18 -17.27 19.05
N VAL A 157 27.47 -16.36 18.11
CA VAL A 157 27.18 -14.94 18.31
C VAL A 157 26.21 -14.35 17.29
N VAL A 158 25.32 -13.50 17.80
CA VAL A 158 24.45 -12.68 16.97
C VAL A 158 25.07 -11.30 16.90
N VAL A 159 25.48 -10.90 15.69
CA VAL A 159 26.08 -9.58 15.49
C VAL A 159 25.33 -8.81 14.42
N PRO A 160 24.39 -7.96 14.84
CA PRO A 160 23.56 -7.19 13.93
C PRO A 160 24.25 -5.93 13.44
N LEU A 161 23.97 -5.56 12.20
CA LEU A 161 24.44 -4.26 11.70
C LEU A 161 25.95 -4.16 11.88
N GLU A 162 26.67 -5.15 11.36
CA GLU A 162 28.06 -5.34 11.74
C GLU A 162 28.97 -4.95 10.58
N ASP A 163 30.16 -4.45 10.90
CA ASP A 163 31.24 -4.29 9.91
C ASP A 163 31.73 -5.64 9.40
N GLY A 164 31.89 -5.78 8.10
CA GLY A 164 32.30 -7.07 7.53
C GLY A 164 33.60 -7.63 8.05
N ASP A 165 34.55 -6.78 8.42
CA ASP A 165 35.82 -7.27 8.89
C ASP A 165 35.69 -7.99 10.23
N ARG A 166 34.81 -7.50 11.10
CA ARG A 166 34.59 -8.12 12.42
C ARG A 166 33.89 -9.45 12.26
N THR A 167 32.90 -9.48 11.38
CA THR A 167 32.18 -10.69 11.10
C THR A 167 33.15 -11.76 10.63
N GLU A 168 33.94 -11.43 9.62
CA GLU A 168 34.87 -12.38 9.01
C GLU A 168 35.89 -12.82 10.06
N ALA A 169 36.37 -11.86 10.84
CA ALA A 169 37.29 -12.19 11.89
C ALA A 169 36.68 -13.23 12.83
N LEU A 170 35.46 -12.97 13.30
CA LEU A 170 34.85 -13.85 14.29
C LEU A 170 34.71 -15.24 13.70
N VAL A 171 34.45 -15.31 12.39
CA VAL A 171 34.41 -16.59 11.70
C VAL A 171 35.79 -17.23 11.66
N ARG A 172 36.82 -16.42 11.51
CA ARG A 172 38.19 -16.91 11.54
C ARG A 172 38.50 -17.49 12.91
N MET A 173 37.84 -16.97 13.94
CA MET A 173 38.05 -17.46 15.30
C MET A 173 37.27 -18.72 15.60
N GLY A 174 36.54 -19.21 14.61
CA GLY A 174 35.75 -20.41 14.82
C GLY A 174 34.36 -20.16 15.41
N LYS A 175 34.00 -18.89 15.63
CA LYS A 175 32.62 -18.53 15.98
C LYS A 175 31.63 -18.75 14.84
N PHE A 176 30.57 -19.47 15.14
CA PHE A 176 29.42 -19.50 14.27
C PHE A 176 28.65 -18.18 14.38
N VAL A 177 28.57 -17.44 13.28
CA VAL A 177 28.12 -16.09 13.29
C VAL A 177 26.74 -15.89 12.60
N ILE A 178 25.85 -15.20 13.29
CA ILE A 178 24.51 -14.89 12.80
C ILE A 178 24.37 -13.38 12.70
N THR A 179 23.92 -12.89 11.57
CA THR A 179 23.79 -11.46 11.45
C THR A 179 22.43 -11.03 10.95
N ILE A 180 22.09 -9.77 11.25
CA ILE A 180 20.89 -9.13 10.75
C ILE A 180 21.32 -7.91 9.95
N ASP A 181 21.04 -7.93 8.65
CA ASP A 181 21.55 -6.92 7.76
C ASP A 181 20.61 -6.75 6.58
N LEU A 182 20.16 -5.52 6.36
CA LEU A 182 19.23 -5.27 5.26
C LEU A 182 19.93 -5.34 3.92
N ASN A 183 21.27 -5.32 3.91
CA ASN A 183 21.98 -5.42 2.66
C ASN A 183 22.53 -6.83 2.41
N PRO A 184 21.85 -7.59 1.58
CA PRO A 184 22.24 -8.97 1.26
C PRO A 184 23.58 -9.11 0.56
N LEU A 185 24.15 -8.01 0.08
CA LEU A 185 25.40 -8.06 -0.66
C LEU A 185 26.56 -7.61 0.20
N SER A 186 26.30 -7.22 1.43
CA SER A 186 27.38 -6.69 2.26
C SER A 186 28.43 -7.76 2.54
N ARG A 187 29.61 -7.30 2.92
CA ARG A 187 30.68 -8.18 3.33
C ARG A 187 30.19 -9.02 4.49
N SER A 188 29.56 -8.36 5.46
CA SER A 188 29.09 -9.07 6.63
C SER A 188 28.02 -10.08 6.26
N ALA A 189 27.16 -9.73 5.31
CA ALA A 189 26.08 -10.63 4.91
C ALA A 189 26.61 -11.82 4.16
N ARG A 190 27.68 -11.62 3.40
CA ARG A 190 28.35 -12.68 2.64
C ARG A 190 29.07 -13.64 3.56
N MET A 191 29.65 -13.11 4.63
CA MET A 191 30.54 -13.88 5.51
C MET A 191 29.80 -14.64 6.62
N ALA A 192 28.59 -14.20 6.99
CA ALA A 192 27.91 -14.80 8.12
C ALA A 192 27.43 -16.22 7.78
N ASP A 193 27.34 -17.06 8.79
CA ASP A 193 26.83 -18.40 8.58
C ASP A 193 25.33 -18.35 8.40
N ILE A 194 24.70 -17.39 9.05
CA ILE A 194 23.25 -17.22 8.90
C ILE A 194 22.97 -15.74 8.80
N THR A 195 22.43 -15.34 7.66
CA THR A 195 22.18 -13.94 7.39
C THR A 195 20.69 -13.64 7.29
N ILE A 196 20.20 -12.77 8.16
CA ILE A 196 18.77 -12.44 8.23
C ILE A 196 18.62 -11.08 7.60
N VAL A 197 18.03 -11.08 6.40
CA VAL A 197 17.85 -9.86 5.67
C VAL A 197 16.52 -9.20 6.04
N ASP A 198 16.58 -8.44 7.13
CA ASP A 198 15.38 -7.79 7.65
C ASP A 198 15.76 -6.57 8.44
N ASN A 199 14.80 -5.66 8.65
CA ASN A 199 15.02 -4.59 9.60
C ASN A 199 15.09 -5.14 11.00
N ILE A 200 16.15 -4.81 11.71
CA ILE A 200 16.26 -5.26 13.07
C ILE A 200 15.02 -4.93 13.92
N VAL A 201 14.37 -3.80 13.66
CA VAL A 201 13.19 -3.44 14.43
C VAL A 201 12.10 -4.47 14.19
N ARG A 202 12.19 -5.18 13.07
CA ARG A 202 11.27 -6.28 12.86
C ARG A 202 11.84 -7.61 13.34
N ALA A 203 13.15 -7.79 13.22
CA ALA A 203 13.72 -9.14 13.27
C ALA A 203 13.76 -9.61 14.72
N TYR A 204 14.06 -8.66 15.59
CA TYR A 204 14.24 -8.97 16.98
C TYR A 204 12.93 -9.33 17.69
N PRO A 205 11.88 -8.54 17.49
CA PRO A 205 10.61 -9.00 18.05
C PRO A 205 10.29 -10.39 17.53
N ARG A 206 10.46 -10.59 16.23
CA ARG A 206 10.09 -11.87 15.64
C ARG A 206 10.91 -13.02 16.23
N MET A 207 12.20 -12.81 16.45
CA MET A 207 13.07 -13.89 16.92
C MET A 207 12.73 -14.22 18.37
N THR A 208 12.37 -13.19 19.13
CA THR A 208 11.92 -13.33 20.50
C THR A 208 10.68 -14.20 20.58
N GLU A 209 9.78 -14.00 19.63
CA GLU A 209 8.54 -14.77 19.59
C GLU A 209 8.84 -16.17 19.08
N LEU A 210 9.86 -16.32 18.24
CA LEU A 210 10.21 -17.66 17.76
C LEU A 210 10.85 -18.46 18.89
N ALA A 211 11.63 -17.78 19.72
CA ALA A 211 12.36 -18.46 20.78
C ALA A 211 11.38 -19.05 21.80
N ARG A 212 10.31 -18.31 22.11
CA ARG A 212 9.34 -18.72 23.09
C ARG A 212 8.63 -19.97 22.61
N GLU A 213 8.42 -20.07 21.32
CA GLU A 213 7.65 -21.17 20.81
C GLU A 213 8.53 -22.40 20.49
N MET A 214 9.70 -22.17 19.92
CA MET A 214 10.54 -23.29 19.45
C MET A 214 11.29 -23.99 20.59
N LYS A 215 11.31 -23.38 21.77
CA LYS A 215 11.64 -24.11 22.97
C LYS A 215 10.85 -25.38 23.16
N ASP A 216 9.71 -25.50 22.50
CA ASP A 216 8.83 -26.65 22.68
C ASP A 216 9.24 -27.78 21.77
N TYR A 217 10.11 -27.48 20.81
CA TYR A 217 10.47 -28.44 19.78
C TYR A 217 11.41 -29.46 20.42
N SER A 218 11.46 -30.69 19.91
CA SER A 218 12.54 -31.60 20.33
C SER A 218 13.88 -31.05 19.87
N ARG A 219 14.93 -31.48 20.58
CA ARG A 219 16.28 -31.23 20.17
C ARG A 219 16.47 -31.71 18.75
N GLY A 220 15.88 -32.87 18.44
CA GLY A 220 15.97 -33.48 17.13
C GLY A 220 15.40 -32.60 16.04
N GLU A 221 14.32 -31.89 16.35
CA GLU A 221 13.60 -31.12 15.35
C GLU A 221 14.35 -29.80 15.13
N LEU A 222 15.04 -29.36 16.17
CA LEU A 222 15.88 -28.20 16.08
C LEU A 222 17.12 -28.51 15.25
N ILE A 223 17.69 -29.70 15.46
CA ILE A 223 18.92 -30.04 14.75
C ILE A 223 18.64 -30.16 13.27
N ARG A 224 17.50 -30.76 12.95
CA ARG A 224 17.06 -30.87 11.57
C ARG A 224 16.94 -29.50 10.90
N ILE A 225 16.21 -28.58 11.53
CA ILE A 225 16.07 -27.24 10.97
C ILE A 225 17.45 -26.65 10.71
N ILE A 226 18.35 -26.79 11.67
CA ILE A 226 19.68 -26.23 11.55
C ILE A 226 20.41 -26.79 10.35
N GLU A 227 20.24 -28.09 10.10
CA GLU A 227 21.02 -28.82 9.10
C GLU A 227 20.47 -28.65 7.68
N GLU A 228 19.18 -28.32 7.58
CA GLU A 228 18.57 -28.09 6.28
C GLU A 228 18.85 -26.67 5.78
N TYR A 229 19.22 -25.76 6.68
CA TYR A 229 19.28 -24.36 6.32
C TYR A 229 20.46 -24.09 5.40
N ASP A 230 20.20 -23.32 4.36
CA ASP A 230 21.22 -23.03 3.35
C ASP A 230 21.32 -21.52 3.09
N ASN A 231 22.33 -20.90 3.66
CA ASN A 231 22.43 -19.46 3.65
C ASN A 231 22.69 -18.93 2.25
N GLY A 232 23.35 -19.73 1.41
CA GLY A 232 23.60 -19.32 0.03
C GLY A 232 22.29 -19.19 -0.72
N LYS A 233 21.49 -20.25 -0.68
CA LYS A 233 20.21 -20.28 -1.35
C LYS A 233 19.30 -19.19 -0.79
N THR A 234 19.49 -18.88 0.48
CA THR A 234 18.58 -17.99 1.15
C THR A 234 18.87 -16.59 0.67
N LEU A 235 20.14 -16.27 0.49
CA LEU A 235 20.49 -14.95 -0.01
C LEU A 235 20.06 -14.75 -1.47
N ASN A 236 20.11 -15.83 -2.25
CA ASN A 236 19.72 -15.74 -3.64
C ASN A 236 18.25 -15.44 -3.70
N ASP A 237 17.50 -16.13 -2.84
CA ASP A 237 16.07 -15.89 -2.73
C ASP A 237 15.74 -14.44 -2.33
N VAL A 238 16.61 -13.80 -1.56
CA VAL A 238 16.33 -12.40 -1.17
C VAL A 238 16.53 -11.48 -2.38
N LEU A 239 17.56 -11.76 -3.17
CA LEU A 239 17.77 -11.06 -4.43
C LEU A 239 16.65 -11.26 -5.44
N LEU A 240 16.20 -12.49 -5.57
CA LEU A 240 15.12 -12.82 -6.47
C LEU A 240 13.86 -12.09 -6.00
N HIS A 241 13.64 -12.03 -4.69
CA HIS A 241 12.53 -11.25 -4.19
C HIS A 241 12.64 -9.81 -4.72
N ILE A 242 13.81 -9.21 -4.46
CA ILE A 242 14.07 -7.83 -4.84
C ILE A 242 13.89 -7.60 -6.36
N ARG A 243 14.57 -8.41 -7.16
CA ARG A 243 14.43 -8.35 -8.63
C ARG A 243 13.00 -8.49 -9.13
N ASP A 244 12.28 -9.54 -8.72
CA ASP A 244 10.88 -9.68 -9.16
C ASP A 244 10.08 -8.45 -8.74
N ARG A 245 10.40 -7.90 -7.58
CA ARG A 245 9.67 -6.75 -7.07
C ARG A 245 9.89 -5.54 -7.96
N LEU A 246 11.12 -5.36 -8.42
CA LEU A 246 11.43 -4.17 -9.21
C LEU A 246 10.84 -4.37 -10.59
N THR A 247 10.91 -5.61 -11.08
CA THR A 247 10.26 -5.95 -12.34
C THR A 247 8.77 -5.63 -12.27
N LYS A 248 8.14 -5.92 -11.14
CA LYS A 248 6.70 -5.71 -11.06
C LYS A 248 6.38 -4.23 -10.89
N LEU A 249 7.15 -3.53 -10.08
CA LEU A 249 6.99 -2.09 -9.96
C LEU A 249 7.13 -1.39 -11.33
N ALA A 250 8.13 -1.77 -12.12
CA ALA A 250 8.35 -1.10 -13.41
C ALA A 250 7.20 -1.36 -14.39
N GLU A 251 6.83 -2.62 -14.56
CA GLU A 251 5.71 -3.01 -15.42
C GLU A 251 4.45 -2.21 -15.11
N GLY A 252 4.18 -1.99 -13.82
CA GLY A 252 3.01 -1.23 -13.40
C GLY A 252 3.22 0.28 -13.46
N GLY A 253 4.47 0.70 -13.47
CA GLY A 253 4.78 2.11 -13.34
C GLY A 253 4.57 2.62 -11.93
N ILE A 254 5.25 3.71 -11.59
CA ILE A 254 5.25 4.25 -10.24
C ILE A 254 4.98 5.77 -10.24
N TRP A 255 5.29 6.44 -11.34
CA TRP A 255 5.19 7.88 -11.40
C TRP A 255 3.78 8.32 -11.01
N ARG A 256 3.70 9.30 -10.13
CA ARG A 256 2.43 9.89 -9.72
C ARG A 256 1.51 8.99 -8.93
N LYS A 257 2.00 7.81 -8.56
CA LYS A 257 1.24 6.90 -7.70
C LYS A 257 1.52 7.15 -6.22
N LYS A 258 0.48 6.98 -5.40
CA LYS A 258 0.55 7.31 -3.97
C LYS A 258 1.22 6.19 -3.17
N GLN A 259 0.78 4.95 -3.37
CA GLN A 259 1.33 3.82 -2.65
C GLN A 259 1.82 2.76 -3.63
N LEU A 260 2.94 2.11 -3.31
CA LEU A 260 3.58 1.20 -4.25
C LEU A 260 3.10 -0.25 -4.13
N VAL B 2 42.72 13.89 5.08
CA VAL B 2 42.13 12.91 4.13
C VAL B 2 42.71 11.52 4.42
N LYS B 3 41.88 10.66 4.99
CA LYS B 3 42.37 9.53 5.77
C LYS B 3 42.51 8.29 4.89
N ILE B 4 42.31 8.45 3.59
CA ILE B 4 42.40 7.31 2.68
C ILE B 4 43.08 7.68 1.35
N PRO B 5 43.63 6.67 0.67
CA PRO B 5 44.53 6.84 -0.47
C PRO B 5 43.79 7.02 -1.78
N LYS B 6 44.42 7.72 -2.71
CA LYS B 6 43.80 8.04 -3.99
C LYS B 6 43.44 6.77 -4.76
N SER B 7 44.08 5.67 -4.39
CA SER B 7 43.92 4.42 -5.11
C SER B 7 42.62 3.73 -4.68
N HIS B 8 42.06 4.20 -3.57
CA HIS B 8 40.99 3.49 -2.91
C HIS B 8 39.78 3.36 -3.82
N PRO B 9 39.20 2.15 -3.92
CA PRO B 9 38.06 1.96 -4.82
C PRO B 9 36.80 2.70 -4.36
N ARG B 10 36.74 3.08 -3.09
CA ARG B 10 35.60 3.82 -2.56
C ARG B 10 35.96 5.28 -2.29
N TYR B 11 36.98 5.78 -2.96
CA TYR B 11 37.60 7.03 -2.55
C TYR B 11 36.56 8.17 -2.51
N TRP B 12 35.74 8.27 -3.54
CA TRP B 12 34.91 9.45 -3.71
C TRP B 12 33.75 9.40 -2.76
N SER B 13 33.11 8.25 -2.77
CA SER B 13 32.16 7.90 -1.73
C SER B 13 32.66 8.30 -0.35
N LEU B 14 33.84 7.84 0.01
CA LEU B 14 34.39 8.09 1.32
C LEU B 14 34.65 9.57 1.51
N TYR B 15 35.13 10.23 0.48
CA TYR B 15 35.43 11.67 0.56
C TYR B 15 34.15 12.45 0.90
N TYR B 16 33.02 12.04 0.31
CA TYR B 16 31.77 12.80 0.49
C TYR B 16 31.12 12.54 1.83
N ARG B 17 31.31 11.35 2.36
CA ARG B 17 30.95 11.05 3.73
C ARG B 17 31.58 12.07 4.68
N GLU B 18 32.87 12.32 4.49
CA GLU B 18 33.55 13.33 5.29
C GLU B 18 32.93 14.70 5.07
N LYS B 19 32.59 15.01 3.81
CA LYS B 19 32.06 16.33 3.51
C LYS B 19 30.74 16.57 4.19
N ILE B 20 29.92 15.53 4.34
CA ILE B 20 28.61 15.70 4.96
C ILE B 20 28.72 15.72 6.47
N ILE B 21 29.75 15.06 7.01
CA ILE B 21 30.05 15.15 8.44
C ILE B 21 30.41 16.60 8.80
N GLU B 22 31.44 17.14 8.14
CA GLU B 22 31.83 18.54 8.30
C GLU B 22 30.62 19.40 8.20
N GLY B 23 29.85 19.15 7.15
CA GLY B 23 28.67 19.95 6.91
C GLY B 23 27.91 20.10 8.20
N MET B 24 27.81 19.01 8.96
CA MET B 24 26.97 18.99 10.15
C MET B 24 27.60 19.82 11.25
N GLU B 25 28.92 19.74 11.36
CA GLU B 25 29.63 20.41 12.43
C GLU B 25 30.06 21.80 12.02
N LYS B 26 29.67 22.24 10.83
CA LYS B 26 29.64 23.65 10.51
C LYS B 26 28.28 24.24 10.79
N GLY B 27 27.35 23.40 11.23
CA GLY B 27 25.96 23.83 11.44
C GLY B 27 25.10 23.89 10.19
N MET B 28 25.55 23.26 9.10
CA MET B 28 24.81 23.32 7.82
C MET B 28 23.79 22.20 7.71
N THR B 29 24.25 20.97 7.87
CA THR B 29 23.42 19.81 7.61
C THR B 29 22.88 19.19 8.89
N ALA B 30 21.56 19.09 8.93
CA ALA B 30 20.85 18.38 9.97
C ALA B 30 21.31 16.95 10.09
N LYS B 31 21.01 16.37 11.25
CA LYS B 31 21.27 14.98 11.53
C LYS B 31 20.49 14.13 10.57
N ALA B 32 19.25 14.54 10.35
CA ALA B 32 18.34 13.80 9.47
C ALA B 32 18.97 13.73 8.09
N GLY B 33 19.83 14.68 7.80
CA GLY B 33 20.45 14.77 6.49
C GLY B 33 21.51 13.71 6.33
N LEU B 34 22.15 13.36 7.44
CA LEU B 34 23.16 12.30 7.49
C LEU B 34 22.54 10.96 7.15
N ILE B 35 21.32 10.74 7.64
CA ILE B 35 20.61 9.53 7.31
C ILE B 35 20.26 9.49 5.83
N ALA B 36 19.87 10.64 5.31
CA ALA B 36 19.56 10.77 3.90
C ALA B 36 20.80 10.56 3.03
N HIS B 37 21.97 11.01 3.51
CA HIS B 37 23.23 10.79 2.80
C HIS B 37 23.58 9.32 2.63
N GLY B 38 23.48 8.58 3.72
CA GLY B 38 23.46 7.12 3.68
C GLY B 38 22.47 6.51 2.71
N ARG B 39 21.22 6.97 2.74
CA ARG B 39 20.23 6.45 1.81
C ARG B 39 20.81 6.60 0.41
N GLY B 40 21.32 7.80 0.11
CA GLY B 40 21.91 8.09 -1.19
C GLY B 40 23.10 7.19 -1.53
N GLU B 41 23.97 6.95 -0.56
CA GLU B 41 25.15 6.13 -0.76
C GLU B 41 24.75 4.74 -1.24
N ALA B 42 23.81 4.13 -0.53
CA ALA B 42 23.46 2.76 -0.78
C ALA B 42 22.94 2.60 -2.21
N PHE B 43 22.06 3.51 -2.58
CA PHE B 43 21.47 3.55 -3.90
C PHE B 43 22.48 3.92 -4.98
N ASP B 44 23.40 4.84 -4.71
CA ASP B 44 24.44 5.12 -5.70
C ASP B 44 25.20 3.86 -6.04
N TYR B 45 25.54 3.10 -5.01
CA TYR B 45 26.33 1.90 -5.15
C TYR B 45 25.55 0.94 -6.04
N LEU B 46 24.24 0.90 -5.83
CA LEU B 46 23.37 0.06 -6.62
C LEU B 46 23.32 0.51 -8.07
N ILE B 47 23.34 1.82 -8.28
CA ILE B 47 23.19 2.44 -9.60
C ILE B 47 24.54 2.27 -10.34
N GLY B 48 25.64 2.29 -9.58
CA GLY B 48 26.98 2.11 -10.14
C GLY B 48 27.84 3.36 -10.07
N GLU B 49 27.41 4.34 -9.29
CA GLU B 49 28.22 5.52 -9.02
C GLU B 49 28.66 6.18 -10.32
N ARG B 50 27.70 6.32 -11.22
CA ARG B 50 27.93 7.09 -12.46
C ARG B 50 26.59 7.68 -12.88
N THR B 51 26.64 8.54 -13.88
CA THR B 51 25.46 9.20 -14.36
C THR B 51 24.84 8.30 -15.44
N ILE B 52 23.79 7.57 -15.08
CA ILE B 52 23.22 6.62 -16.04
C ILE B 52 22.38 7.30 -17.11
N GLU B 53 22.12 6.59 -18.19
CA GLU B 53 21.45 7.21 -19.34
C GLU B 53 20.08 7.80 -18.98
N PRO B 54 19.33 7.11 -18.12
CA PRO B 54 18.04 7.64 -17.69
C PRO B 54 18.16 8.96 -16.95
N ALA B 55 19.31 9.16 -16.33
CA ALA B 55 19.61 10.40 -15.68
C ALA B 55 20.07 11.47 -16.67
N GLU B 56 20.92 11.09 -17.60
CA GLU B 56 21.30 12.00 -18.69
C GLU B 56 20.06 12.50 -19.41
N ARG B 57 19.11 11.61 -19.62
CA ARG B 57 17.89 11.91 -20.38
C ARG B 57 17.07 12.95 -19.61
N ALA B 58 16.93 12.75 -18.31
CA ALA B 58 16.11 13.66 -17.48
C ALA B 58 16.75 15.02 -17.42
N MET B 59 18.08 15.04 -17.40
CA MET B 59 18.82 16.27 -17.24
C MET B 59 18.76 17.10 -18.51
N ARG B 60 18.77 16.46 -19.69
CA ARG B 60 18.63 17.23 -20.92
C ARG B 60 17.30 17.95 -20.88
N ALA B 61 16.29 17.22 -20.40
CA ALA B 61 14.92 17.74 -20.43
C ALA B 61 14.73 18.82 -19.39
N ALA B 62 15.28 18.60 -18.19
CA ALA B 62 15.21 19.57 -17.12
C ALA B 62 15.92 20.86 -17.53
N VAL B 63 17.12 20.75 -18.10
CA VAL B 63 17.83 21.96 -18.48
C VAL B 63 17.07 22.72 -19.58
N ALA B 64 16.45 22.01 -20.50
CA ALA B 64 15.63 22.69 -21.50
C ALA B 64 14.45 23.44 -20.83
N LYS B 65 13.75 22.77 -19.92
CA LYS B 65 12.65 23.36 -19.19
C LYS B 65 13.11 24.53 -18.36
N LEU B 66 14.27 24.40 -17.71
CA LEU B 66 14.81 25.50 -16.95
C LEU B 66 15.11 26.71 -17.81
N LEU B 67 15.71 26.47 -18.99
CA LEU B 67 16.04 27.56 -19.91
C LEU B 67 14.81 28.25 -20.51
N LEU B 68 13.69 27.56 -20.62
CA LEU B 68 12.48 28.21 -21.15
C LEU B 68 11.65 28.86 -20.05
N ALA B 69 12.08 28.69 -18.81
CA ALA B 69 11.24 29.07 -17.69
C ALA B 69 11.18 30.59 -17.59
N GLU B 70 10.15 31.12 -16.92
CA GLU B 70 10.09 32.57 -16.68
C GLU B 70 10.77 32.97 -15.35
N ASN B 71 10.58 32.19 -14.30
CA ASN B 71 11.21 32.48 -13.03
C ASN B 71 11.77 31.24 -12.37
N PRO B 72 12.88 30.74 -12.90
CA PRO B 72 13.42 29.47 -12.43
C PRO B 72 14.17 29.65 -11.12
N VAL B 73 13.87 28.81 -10.12
CA VAL B 73 14.62 28.78 -8.87
C VAL B 73 15.26 27.43 -8.63
N VAL B 74 16.53 27.46 -8.27
CA VAL B 74 17.22 26.32 -7.70
C VAL B 74 17.19 26.43 -6.19
N SER B 75 16.65 25.41 -5.53
CA SER B 75 16.67 25.34 -4.09
C SER B 75 18.02 24.86 -3.51
N VAL B 76 18.30 25.26 -2.27
CA VAL B 76 19.46 24.76 -1.54
C VAL B 76 19.04 24.36 -0.13
N ASN B 77 19.67 23.31 0.38
CA ASN B 77 19.44 22.89 1.74
C ASN B 77 20.77 22.47 2.33
N GLY B 78 20.72 21.81 3.48
CA GLY B 78 21.94 21.62 4.29
C GLY B 78 22.88 20.64 3.65
N ASN B 79 22.30 19.65 2.96
CA ASN B 79 23.07 18.62 2.29
C ASN B 79 23.76 19.18 1.05
N VAL B 80 23.01 19.91 0.25
CA VAL B 80 23.56 20.49 -0.96
C VAL B 80 24.71 21.44 -0.62
N ALA B 81 24.52 22.21 0.45
CA ALA B 81 25.53 23.18 0.85
C ALA B 81 26.81 22.51 1.34
N ALA B 82 26.69 21.32 1.92
CA ALA B 82 27.86 20.56 2.33
C ALA B 82 28.61 19.95 1.15
N LEU B 83 27.88 19.59 0.10
CA LEU B 83 28.40 18.68 -0.92
C LEU B 83 28.81 19.40 -2.20
N VAL B 84 27.98 20.35 -2.65
CA VAL B 84 28.21 21.05 -3.91
C VAL B 84 27.89 22.55 -3.80
N PRO B 85 28.50 23.23 -2.82
CA PRO B 85 28.30 24.67 -2.69
C PRO B 85 28.74 25.45 -3.93
N LYS B 86 29.91 25.16 -4.47
CA LYS B 86 30.35 25.88 -5.65
C LYS B 86 29.51 25.54 -6.89
N GLU B 87 29.25 24.26 -7.11
CA GLU B 87 28.58 23.82 -8.32
C GLU B 87 27.12 24.32 -8.39
N THR B 88 26.47 24.46 -7.25
CA THR B 88 25.09 24.97 -7.22
C THR B 88 25.04 26.43 -7.64
N ILE B 89 26.05 27.19 -7.25
CA ILE B 89 26.14 28.56 -7.69
C ILE B 89 26.36 28.60 -9.19
N GLU B 90 27.19 27.69 -9.68
CA GLU B 90 27.57 27.71 -11.09
C GLU B 90 26.37 27.37 -11.94
N LEU B 91 25.60 26.39 -11.47
CA LEU B 91 24.40 25.97 -12.14
C LEU B 91 23.36 27.09 -12.16
N ALA B 92 23.15 27.75 -11.03
CA ALA B 92 22.19 28.86 -10.96
C ALA B 92 22.63 30.00 -11.86
N ARG B 93 23.94 30.22 -11.94
CA ARG B 93 24.47 31.26 -12.83
C ARG B 93 24.21 30.94 -14.31
N ALA B 94 24.51 29.71 -14.72
CA ALA B 94 24.36 29.36 -16.13
C ALA B 94 22.90 29.40 -16.55
N LEU B 95 22.01 29.07 -15.63
CA LEU B 95 20.57 29.05 -15.93
C LEU B 95 20.01 30.47 -15.86
N ASN B 96 20.79 31.38 -15.29
CA ASN B 96 20.23 32.61 -14.79
C ASN B 96 18.99 32.32 -13.96
N ALA B 97 19.19 31.50 -12.93
CA ALA B 97 18.10 31.15 -12.05
C ALA B 97 18.44 31.71 -10.72
N LYS B 98 17.42 31.89 -9.89
CA LYS B 98 17.61 32.31 -8.53
C LYS B 98 17.96 31.13 -7.64
N LEU B 99 18.72 31.44 -6.60
CA LEU B 99 19.09 30.52 -5.54
C LEU B 99 18.31 30.88 -4.28
N GLU B 100 17.51 29.95 -3.79
CA GLU B 100 16.74 30.13 -2.58
C GLU B 100 17.09 29.04 -1.57
N ILE B 101 17.56 29.45 -0.39
CA ILE B 101 17.76 28.50 0.69
C ILE B 101 16.39 28.02 1.19
N ASN B 102 16.25 26.72 1.35
CA ASN B 102 14.97 26.14 1.68
C ASN B 102 15.15 24.86 2.44
N LEU B 103 14.78 24.92 3.72
CA LEU B 103 15.08 23.84 4.66
C LEU B 103 13.77 23.29 5.22
N PHE B 104 13.79 22.05 5.70
CA PHE B 104 12.67 21.51 6.46
C PHE B 104 12.87 21.80 7.95
N TYR B 105 14.12 21.66 8.41
CA TYR B 105 14.50 22.04 9.76
C TYR B 105 15.12 23.42 9.76
N ARG B 106 14.33 24.43 9.49
CA ARG B 106 14.85 25.79 9.35
C ARG B 106 15.42 26.26 10.70
N THR B 107 16.41 27.16 10.62
CA THR B 107 16.99 27.83 11.79
C THR B 107 17.73 29.04 11.27
N GLU B 108 17.69 30.16 11.99
CA GLU B 108 18.50 31.30 11.57
C GLU B 108 19.97 30.90 11.53
N ASP B 109 20.39 30.07 12.49
CA ASP B 109 21.79 29.66 12.58
C ASP B 109 22.17 28.80 11.38
N ARG B 110 21.30 27.87 11.02
CA ARG B 110 21.58 26.92 9.94
C ARG B 110 21.50 27.63 8.60
N VAL B 111 20.50 28.50 8.47
CA VAL B 111 20.40 29.40 7.34
C VAL B 111 21.65 30.24 7.15
N LYS B 112 22.23 30.70 8.24
CA LYS B 112 23.40 31.57 8.17
C LYS B 112 24.64 30.77 7.80
N ALA B 113 24.72 29.52 8.26
CA ALA B 113 25.88 28.69 7.96
C ALA B 113 25.91 28.36 6.46
N ILE B 114 24.72 28.09 5.92
CA ILE B 114 24.56 27.85 4.49
C ILE B 114 24.94 29.07 3.66
N ALA B 115 24.41 30.24 4.04
CA ALA B 115 24.73 31.50 3.37
C ALA B 115 26.23 31.76 3.35
N GLU B 116 26.86 31.64 4.50
CA GLU B 116 28.29 31.92 4.60
C GLU B 116 29.07 30.96 3.73
N GLU B 117 28.60 29.73 3.61
CA GLU B 117 29.34 28.74 2.87
C GLU B 117 29.26 29.06 1.39
N LEU B 118 28.08 29.45 0.93
CA LEU B 118 27.93 29.82 -0.46
C LEU B 118 28.73 31.09 -0.76
N ARG B 119 28.70 32.06 0.15
CA ARG B 119 29.40 33.35 -0.06
C ARG B 119 30.91 33.14 -0.21
N LYS B 120 31.45 32.16 0.50
CA LYS B 120 32.84 31.75 0.32
C LYS B 120 33.17 31.60 -1.15
N TYR B 121 32.18 31.35 -1.98
CA TYR B 121 32.44 30.96 -3.36
C TYR B 121 32.03 32.04 -4.32
N ASP B 122 31.14 32.91 -3.85
CA ASP B 122 30.66 34.02 -4.63
C ASP B 122 30.05 35.04 -3.68
N PRO B 123 30.88 35.95 -3.16
CA PRO B 123 30.44 36.89 -2.13
C PRO B 123 29.28 37.77 -2.60
N GLU B 124 29.10 37.88 -3.91
CA GLU B 124 28.11 38.79 -4.47
C GLU B 124 26.70 38.19 -4.57
N ILE B 125 26.57 36.88 -4.35
CA ILE B 125 25.43 36.14 -4.87
C ILE B 125 24.14 36.52 -4.16
N GLU B 126 23.10 36.82 -4.93
CA GLU B 126 21.77 37.03 -4.38
C GLU B 126 21.27 35.73 -3.77
N LEU B 127 21.00 35.76 -2.47
CA LEU B 127 20.42 34.60 -1.80
C LEU B 127 19.01 34.90 -1.32
N LEU B 128 18.09 34.02 -1.68
CA LEU B 128 16.71 34.16 -1.29
C LEU B 128 16.45 33.21 -0.13
N GLY B 129 15.26 33.30 0.45
CA GLY B 129 14.92 32.50 1.62
C GLY B 129 15.74 32.78 2.88
N ILE B 130 16.39 33.94 2.94
CA ILE B 130 16.90 34.43 4.22
C ILE B 130 15.75 34.75 5.16
N ASN B 131 14.71 35.41 4.63
CA ASN B 131 13.58 35.81 5.45
C ASN B 131 12.25 35.66 4.72
N PRO B 132 11.76 34.42 4.64
CA PRO B 132 10.67 34.05 3.74
C PRO B 132 9.29 34.33 4.31
N THR B 133 8.47 35.06 3.56
CA THR B 133 7.21 35.54 4.08
C THR B 133 6.10 34.56 3.73
N LYS B 134 6.05 34.16 2.46
CA LYS B 134 4.94 33.36 1.94
C LYS B 134 5.09 31.88 2.28
N ARG B 135 4.02 31.11 2.06
CA ARG B 135 3.96 29.72 2.53
C ARG B 135 3.18 28.85 1.54
N ILE B 136 3.43 27.55 1.60
CA ILE B 136 2.86 26.61 0.63
C ILE B 136 1.60 25.98 1.21
N PRO B 137 0.49 26.00 0.45
CA PRO B 137 -0.75 25.38 0.90
C PRO B 137 -0.62 23.88 1.12
N GLY B 138 -1.19 23.39 2.22
CA GLY B 138 -0.73 22.17 2.84
C GLY B 138 0.58 22.41 3.55
N LEU B 139 1.30 21.34 3.83
CA LEU B 139 2.51 21.40 4.65
C LEU B 139 2.11 21.65 6.11
N GLU B 140 2.80 22.56 6.79
CA GLU B 140 2.93 22.43 8.23
C GLU B 140 3.60 23.65 8.88
N HIS B 141 3.57 23.67 10.22
CA HIS B 141 4.25 24.69 11.00
C HIS B 141 5.46 25.24 10.26
N GLU B 142 5.19 26.01 9.20
CA GLU B 142 6.22 26.75 8.51
C GLU B 142 7.42 25.89 8.09
N ARG B 143 7.29 24.57 8.20
CA ARG B 143 8.17 23.63 7.49
C ARG B 143 7.90 23.73 5.99
N GLY B 144 6.99 24.61 5.62
CA GLY B 144 6.73 24.95 4.22
C GLY B 144 6.71 26.46 4.01
N LYS B 145 7.66 27.16 4.60
CA LYS B 145 7.79 28.58 4.34
C LYS B 145 8.67 28.81 3.12
N VAL B 146 8.27 29.76 2.28
CA VAL B 146 9.05 30.10 1.08
C VAL B 146 9.14 31.62 0.86
N ASP B 147 10.19 32.03 0.18
CA ASP B 147 10.39 33.43 -0.16
C ASP B 147 9.51 33.87 -1.34
N GLU B 148 9.00 35.09 -1.25
CA GLU B 148 7.96 35.55 -2.17
C GLU B 148 8.52 35.95 -3.54
N ASN B 149 9.80 36.32 -3.58
CA ASN B 149 10.49 36.57 -4.84
C ASN B 149 11.20 35.34 -5.44
N GLY B 150 10.91 34.15 -4.93
CA GLY B 150 11.52 32.94 -5.49
C GLY B 150 10.50 31.85 -5.77
N ILE B 151 10.48 30.82 -4.92
CA ILE B 151 9.64 29.67 -5.17
C ILE B 151 8.14 30.04 -5.19
N TRP B 152 7.76 31.04 -4.41
CA TRP B 152 6.39 31.57 -4.45
C TRP B 152 6.10 32.04 -5.88
N LYS B 153 7.02 32.80 -6.44
CA LYS B 153 6.86 33.35 -7.77
C LYS B 153 7.11 32.30 -8.88
N ALA B 154 7.66 31.14 -8.53
CA ALA B 154 8.39 30.32 -9.52
C ALA B 154 7.46 29.47 -10.40
N ASP B 155 7.71 29.43 -11.70
CA ASP B 155 7.08 28.39 -12.55
C ASP B 155 7.82 27.04 -12.54
N VAL B 156 9.14 27.09 -12.44
CA VAL B 156 9.97 25.87 -12.53
C VAL B 156 11.00 25.84 -11.41
N VAL B 157 10.91 24.85 -10.52
CA VAL B 157 11.92 24.75 -9.46
C VAL B 157 12.73 23.45 -9.50
N VAL B 158 14.01 23.56 -9.13
CA VAL B 158 14.82 22.39 -8.86
C VAL B 158 14.85 22.23 -7.37
N VAL B 159 14.43 21.07 -6.88
CA VAL B 159 14.45 20.84 -5.45
C VAL B 159 15.18 19.54 -5.18
N PRO B 160 16.50 19.65 -5.03
CA PRO B 160 17.35 18.47 -4.85
C PRO B 160 17.19 17.88 -3.46
N LEU B 161 17.24 16.56 -3.36
CA LEU B 161 17.31 15.90 -2.06
C LEU B 161 16.13 16.36 -1.20
N GLU B 162 14.95 16.43 -1.79
CA GLU B 162 13.81 17.06 -1.15
C GLU B 162 12.92 16.07 -0.44
N ASP B 163 12.19 16.58 0.55
CA ASP B 163 11.17 15.79 1.24
C ASP B 163 9.90 15.66 0.40
N GLY B 164 9.28 14.50 0.48
CA GLY B 164 8.17 14.16 -0.39
C GLY B 164 6.95 15.04 -0.16
N ASP B 165 6.73 15.42 1.09
CA ASP B 165 5.59 16.27 1.40
C ASP B 165 5.74 17.57 0.64
N ARG B 166 6.97 18.04 0.48
CA ARG B 166 7.21 19.37 -0.07
C ARG B 166 7.16 19.35 -1.58
N THR B 167 7.75 18.31 -2.15
CA THR B 167 7.67 18.11 -3.59
C THR B 167 6.20 18.01 -4.02
N GLU B 168 5.45 17.15 -3.37
CA GLU B 168 4.05 16.88 -3.77
C GLU B 168 3.18 18.12 -3.61
N ALA B 169 3.43 18.85 -2.53
CA ALA B 169 2.73 20.09 -2.25
C ALA B 169 3.02 21.17 -3.29
N LEU B 170 4.27 21.27 -3.72
CA LEU B 170 4.64 22.27 -4.70
C LEU B 170 3.98 21.93 -6.04
N VAL B 171 3.84 20.65 -6.32
CA VAL B 171 3.14 20.24 -7.51
C VAL B 171 1.67 20.68 -7.44
N ARG B 172 1.05 20.54 -6.27
CA ARG B 172 -0.35 20.89 -6.11
C ARG B 172 -0.56 22.40 -6.21
N MET B 173 0.44 23.17 -5.78
CA MET B 173 0.47 24.61 -6.09
C MET B 173 0.41 24.87 -7.59
N GLY B 174 0.92 23.94 -8.39
CA GLY B 174 1.13 24.18 -9.82
C GLY B 174 2.55 24.56 -10.23
N LYS B 175 3.52 24.27 -9.36
CA LYS B 175 4.93 24.35 -9.75
C LYS B 175 5.34 23.12 -10.58
N PHE B 176 6.05 23.37 -11.68
CA PHE B 176 6.79 22.29 -12.38
C PHE B 176 8.03 21.93 -11.60
N VAL B 177 8.03 20.73 -11.01
CA VAL B 177 9.07 20.35 -10.07
C VAL B 177 10.11 19.38 -10.67
N ILE B 178 11.37 19.79 -10.63
CA ILE B 178 12.50 18.93 -11.03
C ILE B 178 13.26 18.55 -9.78
N THR B 179 13.44 17.25 -9.55
CA THR B 179 14.23 16.80 -8.40
C THR B 179 15.46 15.99 -8.81
N ILE B 180 16.51 16.11 -8.00
CA ILE B 180 17.62 15.19 -8.03
C ILE B 180 17.64 14.36 -6.76
N ASP B 181 17.61 13.04 -6.93
CA ASP B 181 17.29 12.10 -5.85
C ASP B 181 17.73 10.69 -6.28
N LEU B 182 18.65 10.09 -5.55
CA LEU B 182 19.16 8.78 -5.92
C LEU B 182 18.15 7.67 -5.67
N ASN B 183 17.06 7.97 -4.94
CA ASN B 183 16.09 6.94 -4.60
C ASN B 183 14.87 7.07 -5.49
N PRO B 184 14.75 6.17 -6.47
CA PRO B 184 13.65 6.27 -7.40
C PRO B 184 12.33 5.91 -6.76
N LEU B 185 12.38 5.31 -5.57
CA LEU B 185 11.17 4.82 -4.94
C LEU B 185 10.65 5.83 -3.92
N SER B 186 11.36 6.94 -3.73
CA SER B 186 10.91 7.94 -2.77
C SER B 186 9.64 8.59 -3.26
N ARG B 187 8.90 9.19 -2.35
CA ARG B 187 7.64 9.83 -2.74
C ARG B 187 7.97 11.02 -3.62
N SER B 188 9.01 11.73 -3.23
CA SER B 188 9.46 12.90 -3.98
C SER B 188 9.81 12.55 -5.44
N ALA B 189 10.54 11.45 -5.61
CA ALA B 189 10.93 10.97 -6.92
C ALA B 189 9.73 10.61 -7.77
N ARG B 190 8.72 10.01 -7.14
CA ARG B 190 7.52 9.60 -7.85
C ARG B 190 6.58 10.76 -8.14
N MET B 191 6.73 11.87 -7.45
CA MET B 191 5.77 12.98 -7.59
C MET B 191 6.32 14.13 -8.38
N ALA B 192 7.63 14.18 -8.56
CA ALA B 192 8.23 15.23 -9.38
C ALA B 192 7.82 15.13 -10.84
N ASP B 193 8.02 16.22 -11.56
CA ASP B 193 7.71 16.31 -12.98
C ASP B 193 8.87 15.77 -13.80
N ILE B 194 10.08 16.09 -13.39
CA ILE B 194 11.27 15.43 -13.89
C ILE B 194 12.14 14.97 -12.73
N THR B 195 12.49 13.69 -12.75
CA THR B 195 13.20 13.10 -11.66
C THR B 195 14.58 12.65 -12.19
N ILE B 196 15.62 13.24 -11.69
CA ILE B 196 16.95 12.91 -12.11
C ILE B 196 17.54 12.03 -11.04
N VAL B 197 17.74 10.76 -11.38
CA VAL B 197 18.29 9.78 -10.45
C VAL B 197 19.79 9.70 -10.67
N ASP B 198 20.47 10.64 -10.06
CA ASP B 198 21.91 10.75 -10.10
C ASP B 198 22.35 11.34 -8.77
N ASN B 199 23.60 11.07 -8.41
CA ASN B 199 24.19 11.75 -7.27
C ASN B 199 24.36 13.22 -7.57
N ILE B 200 23.98 14.10 -6.64
CA ILE B 200 24.02 15.51 -6.92
C ILE B 200 25.45 16.04 -7.18
N VAL B 201 26.44 15.38 -6.61
CA VAL B 201 27.83 15.68 -6.90
C VAL B 201 28.19 15.55 -8.39
N ARG B 202 27.45 14.74 -9.12
CA ARG B 202 27.64 14.59 -10.57
C ARG B 202 26.55 15.35 -11.35
N ALA B 203 25.32 15.31 -10.84
CA ALA B 203 24.19 15.97 -11.54
C ALA B 203 24.38 17.46 -11.77
N TYR B 204 24.85 18.18 -10.75
CA TYR B 204 25.00 19.63 -10.88
C TYR B 204 26.06 20.07 -11.89
N PRO B 205 27.25 19.48 -11.80
CA PRO B 205 28.26 19.89 -12.76
C PRO B 205 27.82 19.57 -14.17
N ARG B 206 27.16 18.44 -14.31
CA ARG B 206 26.65 18.01 -15.61
C ARG B 206 25.52 18.93 -16.12
N MET B 207 24.60 19.33 -15.25
CA MET B 207 23.52 20.23 -15.68
C MET B 207 24.08 21.57 -16.08
N THR B 208 25.22 21.92 -15.49
CA THR B 208 25.92 23.15 -15.80
C THR B 208 26.52 23.07 -17.21
N GLU B 209 27.16 21.93 -17.52
CA GLU B 209 27.68 21.69 -18.86
C GLU B 209 26.52 21.71 -19.84
N LEU B 210 25.44 21.02 -19.50
CA LEU B 210 24.29 21.00 -20.39
C LEU B 210 23.74 22.39 -20.70
N ALA B 211 23.59 23.21 -19.66
CA ALA B 211 23.09 24.59 -19.81
C ALA B 211 24.00 25.47 -20.64
N ARG B 212 25.29 25.20 -20.57
CA ARG B 212 26.24 25.95 -21.37
C ARG B 212 26.16 25.60 -22.84
N GLU B 213 25.80 24.37 -23.17
CA GLU B 213 25.62 23.99 -24.57
C GLU B 213 24.24 24.41 -25.08
N MET B 214 23.23 24.25 -24.25
CA MET B 214 21.85 24.35 -24.70
C MET B 214 21.35 25.81 -24.72
N LYS B 215 22.15 26.71 -24.16
CA LYS B 215 21.94 28.14 -24.32
C LYS B 215 21.87 28.52 -25.79
N ASP B 216 22.73 27.90 -26.59
CA ASP B 216 22.74 28.12 -28.03
C ASP B 216 21.58 27.42 -28.76
N TYR B 217 20.74 26.69 -28.05
CA TYR B 217 19.65 26.00 -28.70
C TYR B 217 18.50 26.97 -28.87
N SER B 218 17.87 26.87 -30.03
CA SER B 218 16.70 27.64 -30.34
C SER B 218 15.51 27.10 -29.57
N ARG B 219 14.51 27.95 -29.42
CA ARG B 219 13.38 27.60 -28.61
C ARG B 219 12.74 26.29 -29.06
N GLY B 220 12.63 26.11 -30.36
CA GLY B 220 11.94 24.97 -30.89
C GLY B 220 12.70 23.70 -30.57
N GLU B 221 14.03 23.79 -30.60
CA GLU B 221 14.88 22.67 -30.26
C GLU B 221 14.64 22.27 -28.79
N LEU B 222 14.65 23.25 -27.91
CA LEU B 222 14.39 23.00 -26.50
C LEU B 222 12.98 22.40 -26.28
N ILE B 223 12.02 22.81 -27.07
CA ILE B 223 10.64 22.38 -26.84
C ILE B 223 10.47 20.96 -27.37
N ARG B 224 11.27 20.60 -28.36
CA ARG B 224 11.25 19.23 -28.83
C ARG B 224 11.72 18.30 -27.72
N ILE B 225 12.85 18.63 -27.11
CA ILE B 225 13.34 17.88 -25.97
C ILE B 225 12.34 17.72 -24.83
N ILE B 226 11.77 18.84 -24.39
CA ILE B 226 10.78 18.80 -23.31
C ILE B 226 9.58 17.92 -23.68
N GLU B 227 9.03 18.12 -24.86
CA GLU B 227 7.81 17.40 -25.27
C GLU B 227 8.05 15.90 -25.46
N GLU B 228 9.27 15.51 -25.78
CA GLU B 228 9.54 14.11 -25.98
C GLU B 228 9.59 13.43 -24.61
N TYR B 229 9.89 14.18 -23.55
CA TYR B 229 10.34 13.54 -22.33
C TYR B 229 9.21 12.87 -21.53
N ASP B 230 9.45 11.65 -21.07
CA ASP B 230 8.45 10.88 -20.31
C ASP B 230 9.04 10.48 -18.97
N ASN B 231 8.58 11.10 -17.89
CA ASN B 231 9.18 10.84 -16.59
C ASN B 231 8.84 9.45 -16.07
N GLY B 232 7.70 8.92 -16.52
CA GLY B 232 7.26 7.58 -16.10
C GLY B 232 8.12 6.48 -16.66
N LYS B 233 8.39 6.52 -17.97
CA LYS B 233 9.28 5.56 -18.58
C LYS B 233 10.67 5.65 -17.98
N THR B 234 11.09 6.87 -17.66
CA THR B 234 12.40 7.10 -17.12
C THR B 234 12.58 6.48 -15.73
N LEU B 235 11.62 6.67 -14.85
CA LEU B 235 11.64 5.97 -13.57
C LEU B 235 11.64 4.46 -13.76
N ASN B 236 10.80 3.99 -14.66
CA ASN B 236 10.71 2.56 -14.92
C ASN B 236 12.05 2.03 -15.39
N ASP B 237 12.74 2.83 -16.18
CA ASP B 237 14.04 2.44 -16.71
C ASP B 237 15.06 2.40 -15.58
N VAL B 238 14.88 3.25 -14.57
CA VAL B 238 15.81 3.25 -13.46
C VAL B 238 15.65 2.00 -12.61
N LEU B 239 14.43 1.61 -12.32
CA LEU B 239 14.19 0.42 -11.52
C LEU B 239 14.79 -0.82 -12.20
N LEU B 240 14.64 -0.91 -13.53
CA LEU B 240 15.08 -2.09 -14.27
C LEU B 240 16.58 -2.09 -14.33
N HIS B 241 17.17 -0.89 -14.40
CA HIS B 241 18.62 -0.75 -14.31
C HIS B 241 19.15 -1.23 -12.97
N ILE B 242 18.54 -0.81 -11.88
CA ILE B 242 18.91 -1.36 -10.57
C ILE B 242 18.66 -2.89 -10.51
N ARG B 243 17.54 -3.33 -11.08
CA ARG B 243 17.29 -4.77 -11.12
C ARG B 243 18.44 -5.50 -11.76
N ASP B 244 18.89 -5.02 -12.92
CA ASP B 244 19.95 -5.72 -13.66
C ASP B 244 21.31 -5.60 -13.05
N ARG B 245 21.56 -4.56 -12.26
CA ARG B 245 22.86 -4.48 -11.60
C ARG B 245 22.93 -5.39 -10.39
N LEU B 246 21.78 -5.58 -9.74
CA LEU B 246 21.63 -6.61 -8.70
C LEU B 246 21.99 -8.01 -9.20
N THR B 247 21.42 -8.41 -10.35
CA THR B 247 21.70 -9.75 -10.85
C THR B 247 23.14 -9.86 -11.33
N LYS B 248 23.73 -8.74 -11.70
CA LYS B 248 25.15 -8.73 -12.07
C LYS B 248 26.07 -8.80 -10.85
N LEU B 249 25.75 -8.03 -9.82
CA LEU B 249 26.55 -8.02 -8.59
C LEU B 249 26.52 -9.37 -7.88
N ALA B 250 25.42 -10.10 -8.03
CA ALA B 250 25.23 -11.38 -7.34
C ALA B 250 26.03 -12.48 -8.01
N GLU B 251 26.21 -12.38 -9.32
CA GLU B 251 26.54 -13.56 -10.11
C GLU B 251 27.86 -14.15 -9.66
N GLY B 252 27.98 -15.47 -9.79
CA GLY B 252 29.11 -16.20 -9.22
C GLY B 252 28.85 -16.48 -7.75
N GLY B 253 27.58 -16.34 -7.38
CA GLY B 253 27.16 -16.51 -5.99
C GLY B 253 27.52 -15.34 -5.10
N ILE B 254 26.71 -15.17 -4.05
CA ILE B 254 26.97 -14.17 -3.02
C ILE B 254 27.75 -14.80 -1.87
N TRP B 255 27.19 -15.85 -1.29
CA TRP B 255 27.59 -16.30 0.02
C TRP B 255 29.00 -16.87 -0.02
N ARG B 256 29.89 -16.30 0.76
CA ARG B 256 31.30 -16.67 0.70
C ARG B 256 31.75 -16.70 -0.78
N LYS B 257 32.03 -15.54 -1.35
CA LYS B 257 32.21 -14.32 -0.57
C LYS B 257 32.70 -13.09 -1.34
N LYS B 258 33.79 -13.25 -2.10
CA LYS B 258 34.49 -12.12 -2.72
C LYS B 258 35.33 -11.34 -1.72
N PRO C 9 -27.37 -18.05 -16.07
CA PRO C 9 -27.68 -17.96 -14.65
C PRO C 9 -27.28 -16.63 -14.07
N ARG C 10 -26.00 -16.31 -14.19
CA ARG C 10 -25.40 -15.17 -13.52
C ARG C 10 -24.59 -14.37 -14.53
N TYR C 11 -24.86 -14.59 -15.80
CA TYR C 11 -23.86 -14.40 -16.84
C TYR C 11 -23.35 -12.96 -16.86
N TRP C 12 -24.29 -12.01 -16.91
CA TRP C 12 -23.94 -10.61 -17.14
C TRP C 12 -23.15 -10.03 -15.98
N SER C 13 -23.46 -10.49 -14.76
CA SER C 13 -22.75 -10.05 -13.57
C SER C 13 -21.26 -10.38 -13.67
N LEU C 14 -20.95 -11.59 -14.07
CA LEU C 14 -19.58 -12.08 -14.08
C LEU C 14 -18.83 -11.52 -15.29
N TYR C 15 -19.56 -11.41 -16.41
CA TYR C 15 -19.08 -10.66 -17.56
C TYR C 15 -18.50 -9.30 -17.14
N TYR C 16 -19.27 -8.53 -16.38
CA TYR C 16 -18.83 -7.17 -16.04
C TYR C 16 -17.76 -7.19 -14.96
N ARG C 17 -17.74 -8.27 -14.19
CA ARG C 17 -16.65 -8.46 -13.24
C ARG C 17 -15.34 -8.57 -14.00
N GLU C 18 -15.29 -9.46 -14.99
CA GLU C 18 -14.10 -9.62 -15.83
C GLU C 18 -13.74 -8.29 -16.48
N LYS C 19 -14.74 -7.60 -17.00
CA LYS C 19 -14.49 -6.31 -17.63
C LYS C 19 -13.77 -5.35 -16.69
N ILE C 20 -14.27 -5.22 -15.45
CA ILE C 20 -13.67 -4.24 -14.54
C ILE C 20 -12.25 -4.66 -14.11
N ILE C 21 -11.98 -5.95 -14.17
CA ILE C 21 -10.66 -6.49 -13.80
C ILE C 21 -9.66 -6.21 -14.94
N GLU C 22 -10.07 -6.54 -16.17
CA GLU C 22 -9.44 -6.00 -17.36
C GLU C 22 -9.30 -4.49 -17.28
N GLY C 23 -10.33 -3.81 -16.82
CA GLY C 23 -10.24 -2.37 -16.58
C GLY C 23 -8.95 -2.02 -15.86
N MET C 24 -8.70 -2.69 -14.75
CA MET C 24 -7.56 -2.38 -13.90
C MET C 24 -6.27 -2.87 -14.54
N GLU C 25 -6.31 -4.04 -15.16
CA GLU C 25 -5.18 -4.55 -15.92
C GLU C 25 -4.74 -3.62 -17.06
N LYS C 26 -5.69 -2.86 -17.61
CA LYS C 26 -5.37 -1.89 -18.64
C LYS C 26 -5.11 -0.49 -18.07
N GLY C 27 -5.01 -0.38 -16.76
CA GLY C 27 -4.52 0.86 -16.16
C GLY C 27 -5.53 1.98 -16.26
N MET C 28 -6.74 1.63 -16.63
CA MET C 28 -7.87 2.54 -16.56
C MET C 28 -8.34 2.73 -15.12
N THR C 29 -8.60 1.62 -14.42
CA THR C 29 -9.42 1.69 -13.22
C THR C 29 -8.66 1.22 -11.98
N ALA C 30 -8.50 2.15 -11.04
CA ALA C 30 -7.87 1.90 -9.75
C ALA C 30 -8.41 0.66 -9.04
N LYS C 31 -7.59 0.13 -8.11
CA LYS C 31 -7.99 -0.95 -7.20
C LYS C 31 -9.29 -0.65 -6.44
N ALA C 32 -9.37 0.54 -5.87
CA ALA C 32 -10.60 1.05 -5.28
C ALA C 32 -11.81 0.93 -6.24
N GLY C 33 -11.56 1.11 -7.52
CA GLY C 33 -12.58 0.91 -8.54
C GLY C 33 -13.26 -0.44 -8.45
N LEU C 34 -12.47 -1.51 -8.40
CA LEU C 34 -12.97 -2.86 -8.14
C LEU C 34 -13.89 -2.97 -6.91
N ILE C 35 -13.45 -2.35 -5.82
CA ILE C 35 -14.21 -2.38 -4.58
C ILE C 35 -15.55 -1.68 -4.79
N ALA C 36 -15.49 -0.46 -5.32
CA ALA C 36 -16.70 0.27 -5.69
C ALA C 36 -17.59 -0.59 -6.58
N HIS C 37 -17.01 -1.35 -7.48
CA HIS C 37 -17.80 -2.18 -8.39
C HIS C 37 -18.58 -3.18 -7.56
N GLY C 38 -17.92 -3.73 -6.55
CA GLY C 38 -18.58 -4.67 -5.63
C GLY C 38 -19.69 -4.02 -4.81
N ARG C 39 -19.40 -2.86 -4.22
CA ARG C 39 -20.45 -2.07 -3.58
C ARG C 39 -21.67 -1.96 -4.50
N GLY C 40 -21.43 -1.57 -5.75
CA GLY C 40 -22.49 -1.45 -6.73
C GLY C 40 -23.31 -2.71 -6.88
N GLU C 41 -22.64 -3.85 -6.89
CA GLU C 41 -23.33 -5.11 -7.09
C GLU C 41 -24.29 -5.38 -5.94
N ALA C 42 -23.88 -5.00 -4.72
CA ALA C 42 -24.66 -5.31 -3.53
C ALA C 42 -26.01 -4.61 -3.62
N PHE C 43 -25.97 -3.33 -3.98
CA PHE C 43 -27.16 -2.54 -4.17
C PHE C 43 -27.99 -3.06 -5.34
N ASP C 44 -27.35 -3.65 -6.33
CA ASP C 44 -28.09 -4.18 -7.47
C ASP C 44 -28.87 -5.40 -7.03
N TYR C 45 -28.29 -6.14 -6.09
CA TYR C 45 -29.02 -7.26 -5.49
C TYR C 45 -30.33 -6.77 -4.86
N LEU C 46 -30.31 -5.61 -4.23
CA LEU C 46 -31.50 -5.12 -3.54
C LEU C 46 -32.55 -4.72 -4.54
N ILE C 47 -32.12 -4.06 -5.61
CA ILE C 47 -33.04 -3.55 -6.60
C ILE C 47 -33.60 -4.67 -7.45
N GLY C 48 -32.84 -5.77 -7.55
CA GLY C 48 -33.25 -6.90 -8.40
C GLY C 48 -32.56 -6.95 -9.76
N GLU C 49 -31.44 -6.25 -9.89
CA GLU C 49 -30.61 -6.38 -11.08
C GLU C 49 -31.45 -6.19 -12.34
N ARG C 50 -32.11 -5.05 -12.42
CA ARG C 50 -32.91 -4.70 -13.55
C ARG C 50 -33.27 -3.21 -13.45
N THR C 51 -33.91 -2.70 -14.50
CA THR C 51 -34.20 -1.30 -14.61
C THR C 51 -35.62 -1.07 -14.14
N ILE C 52 -35.74 -0.41 -12.99
CA ILE C 52 -37.03 -0.29 -12.37
C ILE C 52 -37.70 1.01 -12.81
N GLU C 53 -39.00 1.09 -12.62
CA GLU C 53 -39.76 2.18 -13.21
C GLU C 53 -39.27 3.55 -12.75
N PRO C 54 -38.87 3.67 -11.47
CA PRO C 54 -38.38 4.97 -11.03
C PRO C 54 -37.08 5.33 -11.72
N ALA C 55 -36.40 4.32 -12.25
CA ALA C 55 -35.12 4.54 -12.93
C ALA C 55 -35.33 4.95 -14.39
N GLU C 56 -36.31 4.31 -15.01
CA GLU C 56 -36.80 4.68 -16.33
C GLU C 56 -37.35 6.10 -16.33
N ARG C 57 -37.99 6.47 -15.24
CA ARG C 57 -38.62 7.76 -15.10
C ARG C 57 -37.56 8.85 -14.99
N ALA C 58 -36.50 8.56 -14.24
CA ALA C 58 -35.37 9.47 -14.18
C ALA C 58 -34.61 9.55 -15.52
N MET C 59 -34.44 8.44 -16.19
CA MET C 59 -33.67 8.47 -17.42
C MET C 59 -34.38 9.30 -18.49
N ARG C 60 -35.71 9.23 -18.50
CA ARG C 60 -36.47 9.98 -19.49
C ARG C 60 -36.30 11.46 -19.22
N ALA C 61 -36.50 11.83 -17.96
CA ALA C 61 -36.34 13.25 -17.56
C ALA C 61 -34.92 13.72 -17.85
N ALA C 62 -33.95 12.82 -17.78
CA ALA C 62 -32.54 13.25 -17.86
C ALA C 62 -32.15 13.38 -19.32
N VAL C 63 -32.80 12.60 -20.17
CA VAL C 63 -32.56 12.70 -21.61
C VAL C 63 -33.21 13.96 -22.18
N ALA C 64 -34.41 14.26 -21.70
CA ALA C 64 -35.07 15.52 -22.01
C ALA C 64 -34.23 16.75 -21.63
N LYS C 65 -33.80 16.81 -20.37
CA LYS C 65 -32.93 17.90 -19.90
C LYS C 65 -31.70 18.03 -20.82
N LEU C 66 -31.12 16.90 -21.20
CA LEU C 66 -29.88 16.93 -21.92
C LEU C 66 -30.12 17.34 -23.37
N LEU C 67 -31.19 16.81 -23.97
CA LEU C 67 -31.57 17.19 -25.32
C LEU C 67 -31.74 18.69 -25.44
N LEU C 68 -32.22 19.34 -24.38
CA LEU C 68 -32.50 20.77 -24.39
C LEU C 68 -31.37 21.61 -23.78
N ALA C 69 -30.26 20.96 -23.44
CA ALA C 69 -29.14 21.66 -22.80
C ALA C 69 -28.41 22.55 -23.82
N GLU C 70 -28.05 23.76 -23.41
CA GLU C 70 -27.09 24.59 -24.14
C GLU C 70 -25.77 23.87 -24.34
N ASN C 71 -25.17 23.44 -23.23
CA ASN C 71 -23.87 22.80 -23.26
C ASN C 71 -23.86 21.50 -22.45
N PRO C 72 -24.35 20.40 -23.03
CA PRO C 72 -24.39 19.13 -22.33
C PRO C 72 -23.05 18.43 -22.35
N VAL C 73 -22.63 17.90 -21.20
CA VAL C 73 -21.43 17.06 -21.13
C VAL C 73 -21.71 15.73 -20.45
N VAL C 74 -21.21 14.65 -21.03
CA VAL C 74 -21.15 13.41 -20.27
C VAL C 74 -19.73 13.10 -19.77
N SER C 75 -19.62 12.88 -18.46
CA SER C 75 -18.36 12.54 -17.79
C SER C 75 -17.99 11.06 -17.88
N VAL C 76 -16.68 10.81 -17.93
CA VAL C 76 -16.16 9.44 -17.97
C VAL C 76 -15.10 9.29 -16.88
N ASN C 77 -15.24 8.24 -16.09
CA ASN C 77 -14.15 7.80 -15.23
C ASN C 77 -13.71 6.39 -15.54
N GLY C 78 -12.77 5.87 -14.75
CA GLY C 78 -12.16 4.58 -15.02
C GLY C 78 -13.15 3.43 -15.00
N ASN C 79 -14.05 3.42 -14.03
CA ASN C 79 -15.05 2.36 -13.99
C ASN C 79 -15.95 2.40 -15.22
N VAL C 80 -16.47 3.59 -15.54
CA VAL C 80 -17.28 3.76 -16.74
C VAL C 80 -16.56 3.31 -18.02
N ALA C 81 -15.29 3.67 -18.16
CA ALA C 81 -14.51 3.25 -19.34
C ALA C 81 -14.28 1.73 -19.41
N ALA C 82 -14.07 1.09 -18.27
CA ALA C 82 -13.91 -0.38 -18.23
C ALA C 82 -15.19 -1.11 -18.66
N LEU C 83 -16.33 -0.49 -18.38
CA LEU C 83 -17.61 -1.19 -18.47
C LEU C 83 -18.33 -0.88 -19.77
N VAL C 84 -18.45 0.41 -20.07
CA VAL C 84 -19.34 0.88 -21.14
C VAL C 84 -18.68 1.94 -22.00
N PRO C 85 -17.44 1.68 -22.43
CA PRO C 85 -16.77 2.64 -23.32
C PRO C 85 -17.56 2.91 -24.61
N LYS C 86 -18.09 1.85 -25.21
CA LYS C 86 -18.84 1.97 -26.46
C LYS C 86 -20.11 2.79 -26.23
N GLU C 87 -20.93 2.32 -25.30
CA GLU C 87 -22.23 2.91 -25.08
C GLU C 87 -22.06 4.34 -24.58
N THR C 88 -20.96 4.59 -23.88
CA THR C 88 -20.68 5.94 -23.41
C THR C 88 -20.50 6.90 -24.60
N ILE C 89 -19.85 6.41 -25.66
CA ILE C 89 -19.66 7.24 -26.86
C ILE C 89 -20.97 7.45 -27.63
N GLU C 90 -21.70 6.36 -27.85
CA GLU C 90 -23.01 6.42 -28.51
C GLU C 90 -23.98 7.39 -27.79
N LEU C 91 -23.96 7.39 -26.47
CA LEU C 91 -24.90 8.23 -25.74
C LEU C 91 -24.53 9.71 -25.91
N ALA C 92 -23.24 10.00 -25.93
CA ALA C 92 -22.77 11.37 -26.14
C ALA C 92 -23.16 11.84 -27.52
N ARG C 93 -23.01 10.96 -28.52
CA ARG C 93 -23.29 11.35 -29.87
C ARG C 93 -24.78 11.55 -30.05
N ALA C 94 -25.58 10.67 -29.46
CA ALA C 94 -27.05 10.78 -29.58
C ALA C 94 -27.58 12.02 -28.86
N LEU C 95 -26.80 12.56 -27.94
CA LEU C 95 -27.24 13.68 -27.15
C LEU C 95 -26.59 14.91 -27.76
N ASN C 96 -25.77 14.67 -28.76
CA ASN C 96 -24.94 15.75 -29.27
C ASN C 96 -24.26 16.47 -28.11
N ALA C 97 -23.51 15.71 -27.29
CA ALA C 97 -22.89 16.26 -26.09
C ALA C 97 -21.40 15.98 -26.10
N LYS C 98 -20.65 16.75 -25.32
CA LYS C 98 -19.21 16.53 -25.20
C LYS C 98 -18.90 15.44 -24.18
N LEU C 99 -17.79 14.77 -24.43
CA LEU C 99 -17.24 13.76 -23.53
C LEU C 99 -16.04 14.36 -22.78
N GLU C 100 -16.06 14.33 -21.45
CA GLU C 100 -14.90 14.78 -20.67
C GLU C 100 -14.46 13.71 -19.70
N ILE C 101 -13.23 13.20 -19.86
CA ILE C 101 -12.63 12.35 -18.85
C ILE C 101 -12.45 13.14 -17.56
N ASN C 102 -13.12 12.69 -16.50
CA ASN C 102 -13.06 13.36 -15.21
C ASN C 102 -13.07 12.30 -14.12
N LEU C 103 -12.04 12.30 -13.29
CA LEU C 103 -11.76 11.13 -12.47
C LEU C 103 -10.89 11.44 -11.25
N PHE C 104 -10.37 10.39 -10.64
CA PHE C 104 -10.31 10.26 -9.19
C PHE C 104 -8.89 10.57 -8.70
N TYR C 105 -8.08 9.53 -8.57
CA TYR C 105 -6.64 9.66 -8.75
C TYR C 105 -6.34 9.95 -10.21
N ARG C 106 -6.19 11.24 -10.52
CA ARG C 106 -5.88 11.71 -11.87
C ARG C 106 -4.45 11.34 -12.24
N THR C 107 -4.28 10.69 -13.38
CA THR C 107 -2.96 10.26 -13.81
C THR C 107 -2.84 10.06 -15.31
N GLU C 108 -1.81 10.67 -15.88
CA GLU C 108 -1.66 10.79 -17.33
C GLU C 108 -1.72 9.42 -17.98
N ASP C 109 -1.20 8.41 -17.29
CA ASP C 109 -1.27 7.03 -17.76
C ASP C 109 -2.67 6.47 -17.55
N ARG C 110 -3.34 6.91 -16.48
CA ARG C 110 -4.75 6.65 -16.30
C ARG C 110 -5.51 7.31 -17.44
N VAL C 111 -5.34 8.62 -17.57
CA VAL C 111 -6.05 9.36 -18.61
C VAL C 111 -5.71 8.79 -19.99
N LYS C 112 -4.45 8.40 -20.19
CA LYS C 112 -4.01 7.84 -21.46
C LYS C 112 -4.68 6.50 -21.74
N ALA C 113 -4.77 5.66 -20.72
CA ALA C 113 -5.41 4.36 -20.89
C ALA C 113 -6.88 4.51 -21.25
N ILE C 114 -7.55 5.50 -20.66
CA ILE C 114 -8.98 5.70 -20.87
C ILE C 114 -9.25 6.27 -22.27
N ALA C 115 -8.50 7.33 -22.62
CA ALA C 115 -8.51 7.89 -23.97
C ALA C 115 -8.36 6.80 -25.02
N GLU C 116 -7.38 5.93 -24.83
CA GLU C 116 -7.14 4.87 -25.79
C GLU C 116 -8.36 3.98 -25.89
N GLU C 117 -8.91 3.57 -24.76
CA GLU C 117 -9.96 2.55 -24.79
C GLU C 117 -11.16 3.08 -25.55
N LEU C 118 -11.43 4.38 -25.35
CA LEU C 118 -12.53 5.04 -26.04
C LEU C 118 -12.26 5.14 -27.55
N ARG C 119 -11.10 5.70 -27.93
CA ARG C 119 -10.69 5.80 -29.34
C ARG C 119 -10.72 4.45 -30.06
N LYS C 120 -10.53 3.36 -29.34
CA LYS C 120 -10.81 2.04 -29.90
C LYS C 120 -12.17 2.00 -30.58
N TYR C 121 -13.14 2.73 -30.06
CA TYR C 121 -14.51 2.67 -30.57
C TYR C 121 -14.85 3.83 -31.51
N ASP C 122 -14.14 4.93 -31.37
CA ASP C 122 -14.30 6.09 -32.24
C ASP C 122 -13.00 6.92 -32.28
N PRO C 123 -12.19 6.73 -33.34
CA PRO C 123 -10.90 7.39 -33.40
C PRO C 123 -10.95 8.93 -33.47
N GLU C 124 -12.06 9.50 -33.94
CA GLU C 124 -12.17 10.96 -34.12
C GLU C 124 -13.11 11.59 -33.09
N ILE C 125 -13.42 10.83 -32.04
CA ILE C 125 -14.02 11.38 -30.83
C ILE C 125 -13.11 12.44 -30.21
N GLU C 126 -13.65 13.63 -30.02
CA GLU C 126 -12.95 14.67 -29.27
C GLU C 126 -13.10 14.43 -27.76
N LEU C 127 -11.98 14.21 -27.07
CA LEU C 127 -11.98 13.97 -25.62
C LEU C 127 -11.53 15.18 -24.85
N LEU C 128 -12.38 15.69 -23.97
CA LEU C 128 -11.98 16.77 -23.08
C LEU C 128 -11.33 16.19 -21.82
N GLY C 129 -10.93 17.07 -20.91
CA GLY C 129 -10.33 16.68 -19.64
C GLY C 129 -9.02 15.93 -19.73
N ILE C 130 -8.20 16.23 -20.73
CA ILE C 130 -6.89 15.60 -20.83
C ILE C 130 -5.84 16.41 -20.08
N ASN C 131 -5.88 17.73 -20.27
CA ASN C 131 -5.22 18.67 -19.37
C ASN C 131 -6.19 19.74 -18.92
N PRO C 132 -7.10 19.38 -18.00
CA PRO C 132 -8.00 20.37 -17.41
C PRO C 132 -7.23 21.51 -16.79
N THR C 133 -7.78 22.72 -16.85
CA THR C 133 -7.11 23.89 -16.28
C THR C 133 -7.97 24.60 -15.26
N LYS C 134 -9.29 24.54 -15.44
CA LYS C 134 -10.19 25.12 -14.48
C LYS C 134 -10.40 24.19 -13.29
N ARG C 135 -10.97 24.72 -12.23
CA ARG C 135 -11.16 23.96 -11.00
C ARG C 135 -12.46 24.40 -10.32
N ILE C 136 -13.18 23.42 -9.80
CA ILE C 136 -14.42 23.66 -9.09
C ILE C 136 -14.12 24.30 -7.72
N PRO C 137 -14.99 25.21 -7.26
CA PRO C 137 -14.79 25.82 -5.94
C PRO C 137 -15.22 24.93 -4.78
N GLY C 138 -14.31 24.10 -4.29
CA GLY C 138 -14.58 23.18 -3.18
C GLY C 138 -13.62 22.01 -3.12
N GLY C 144 -10.04 17.86 -8.49
CA GLY C 144 -10.98 18.97 -8.51
C GLY C 144 -11.00 19.71 -9.84
N LYS C 145 -10.21 19.24 -10.79
CA LYS C 145 -9.99 19.97 -12.04
C LYS C 145 -11.09 19.68 -13.05
N VAL C 146 -11.39 20.65 -13.91
CA VAL C 146 -12.31 20.42 -15.02
C VAL C 146 -11.85 21.15 -16.28
N ASP C 147 -12.40 20.72 -17.42
CA ASP C 147 -11.97 21.20 -18.70
C ASP C 147 -12.71 22.49 -19.03
N GLU C 148 -11.97 23.44 -19.59
CA GLU C 148 -12.50 24.76 -19.89
C GLU C 148 -13.66 24.65 -20.85
N ASN C 149 -13.55 23.71 -21.78
CA ASN C 149 -14.50 23.59 -22.88
C ASN C 149 -15.62 22.58 -22.61
N GLY C 150 -15.51 21.84 -21.51
CA GLY C 150 -16.52 20.87 -21.14
C GLY C 150 -17.23 21.30 -19.88
N ILE C 151 -16.84 20.68 -18.78
CA ILE C 151 -17.64 20.78 -17.57
C ILE C 151 -17.61 22.21 -17.02
N TRP C 152 -16.52 22.92 -17.29
CA TRP C 152 -16.39 24.29 -16.81
C TRP C 152 -17.57 25.13 -17.28
N LYS C 153 -17.94 24.99 -18.55
CA LYS C 153 -19.01 25.84 -19.12
C LYS C 153 -20.36 25.11 -19.32
N ALA C 154 -20.43 23.82 -19.01
CA ALA C 154 -21.65 23.05 -19.21
C ALA C 154 -22.79 23.50 -18.30
N ASP C 155 -23.99 23.57 -18.86
CA ASP C 155 -25.17 23.87 -18.03
C ASP C 155 -25.81 22.59 -17.49
N VAL C 156 -25.43 21.45 -18.08
CA VAL C 156 -26.01 20.18 -17.69
C VAL C 156 -24.98 19.10 -17.89
N VAL C 157 -24.73 18.32 -16.85
CA VAL C 157 -23.69 17.29 -16.90
C VAL C 157 -24.26 15.93 -16.48
N VAL C 158 -23.72 14.85 -17.02
CA VAL C 158 -23.93 13.54 -16.44
C VAL C 158 -22.66 13.09 -15.74
N VAL C 159 -22.78 12.77 -14.46
CA VAL C 159 -21.64 12.25 -13.69
C VAL C 159 -22.01 10.92 -13.03
N PRO C 160 -21.71 9.81 -13.73
CA PRO C 160 -22.00 8.49 -13.18
C PRO C 160 -20.99 8.06 -12.10
N LEU C 161 -21.46 7.32 -11.11
CA LEU C 161 -20.57 6.75 -10.09
C LEU C 161 -19.65 7.81 -9.55
N GLU C 162 -20.22 8.93 -9.13
CA GLU C 162 -19.44 10.10 -8.79
C GLU C 162 -19.30 10.24 -7.27
N ASP C 163 -18.13 10.67 -6.82
CA ASP C 163 -17.91 11.15 -5.46
C ASP C 163 -18.90 12.24 -5.11
N GLY C 164 -19.53 12.09 -3.95
CA GLY C 164 -20.68 12.91 -3.58
C GLY C 164 -20.28 14.33 -3.33
N ASP C 165 -18.99 14.56 -3.13
CA ASP C 165 -18.54 15.90 -2.83
C ASP C 165 -18.37 16.73 -4.09
N ARG C 166 -17.95 16.06 -5.16
CA ARG C 166 -17.83 16.72 -6.46
C ARG C 166 -19.23 17.04 -6.95
N THR C 167 -20.11 16.06 -6.81
CA THR C 167 -21.49 16.23 -7.15
C THR C 167 -22.02 17.50 -6.50
N GLU C 168 -21.66 17.69 -5.25
CA GLU C 168 -22.25 18.75 -4.45
C GLU C 168 -21.67 20.10 -4.85
N ALA C 169 -20.40 20.08 -5.24
CA ALA C 169 -19.72 21.29 -5.71
C ALA C 169 -20.33 21.77 -7.03
N LEU C 170 -20.52 20.85 -7.98
CA LEU C 170 -21.07 21.19 -9.29
C LEU C 170 -22.42 21.87 -9.16
N VAL C 171 -23.23 21.34 -8.25
CA VAL C 171 -24.55 21.88 -7.99
C VAL C 171 -24.44 23.26 -7.36
N ARG C 172 -23.54 23.35 -6.38
CA ARG C 172 -23.11 24.63 -5.81
C ARG C 172 -22.64 25.57 -6.91
N MET C 173 -21.81 25.06 -7.80
CA MET C 173 -21.26 25.85 -8.91
C MET C 173 -22.34 26.44 -9.80
N GLY C 174 -23.47 25.76 -9.89
CA GLY C 174 -24.57 26.19 -10.75
C GLY C 174 -25.02 25.15 -11.76
N LYS C 175 -24.21 24.10 -11.97
CA LYS C 175 -24.60 23.04 -12.91
C LYS C 175 -25.91 22.34 -12.49
N PHE C 176 -26.72 22.02 -13.48
CA PHE C 176 -27.74 21.00 -13.33
C PHE C 176 -27.15 19.60 -13.53
N VAL C 177 -27.23 18.77 -12.49
CA VAL C 177 -26.40 17.57 -12.44
C VAL C 177 -27.22 16.29 -12.42
N ILE C 178 -26.76 15.35 -13.24
CA ILE C 178 -27.43 14.08 -13.43
C ILE C 178 -26.45 12.98 -13.11
N THR C 179 -26.83 12.09 -12.21
CA THR C 179 -25.95 10.99 -11.89
C THR C 179 -26.67 9.65 -11.97
N ILE C 180 -25.86 8.62 -12.24
CA ILE C 180 -26.28 7.26 -12.20
C ILE C 180 -25.59 6.60 -11.00
N ASP C 181 -26.36 5.95 -10.14
CA ASP C 181 -25.80 5.40 -8.92
C ASP C 181 -26.68 4.34 -8.34
N LEU C 182 -26.12 3.15 -8.13
CA LEU C 182 -26.91 2.05 -7.67
C LEU C 182 -27.28 2.17 -6.21
N ASN C 183 -26.66 3.12 -5.50
CA ASN C 183 -26.98 3.35 -4.10
C ASN C 183 -27.79 4.62 -3.92
N PRO C 184 -29.05 4.46 -3.51
CA PRO C 184 -29.95 5.58 -3.61
C PRO C 184 -29.80 6.53 -2.45
N LEU C 185 -28.90 6.20 -1.51
CA LEU C 185 -28.73 6.99 -0.29
C LEU C 185 -27.36 7.64 -0.21
N SER C 186 -26.49 7.30 -1.17
CA SER C 186 -25.19 7.96 -1.29
C SER C 186 -25.33 9.46 -1.42
N ARG C 187 -24.27 10.18 -1.08
CA ARG C 187 -24.31 11.63 -1.12
C ARG C 187 -24.59 12.11 -2.53
N SER C 188 -23.99 11.43 -3.50
CA SER C 188 -24.18 11.76 -4.90
C SER C 188 -25.67 11.67 -5.27
N ALA C 189 -26.30 10.56 -4.90
CA ALA C 189 -27.70 10.33 -5.20
C ALA C 189 -28.57 11.39 -4.54
N ARG C 190 -28.15 11.86 -3.38
CA ARG C 190 -28.99 12.76 -2.59
C ARG C 190 -28.90 14.14 -3.14
N MET C 191 -27.75 14.45 -3.71
CA MET C 191 -27.42 15.84 -4.02
C MET C 191 -27.73 16.17 -5.48
N ALA C 192 -27.66 15.17 -6.35
CA ALA C 192 -27.95 15.32 -7.78
C ALA C 192 -29.35 15.84 -8.05
N ASP C 193 -29.49 16.61 -9.13
CA ASP C 193 -30.81 17.09 -9.55
C ASP C 193 -31.66 15.94 -10.10
N ILE C 194 -31.02 15.00 -10.79
CA ILE C 194 -31.72 13.83 -11.28
C ILE C 194 -30.88 12.60 -11.01
N THR C 195 -31.49 11.62 -10.36
CA THR C 195 -30.76 10.46 -9.93
C THR C 195 -31.36 9.22 -10.51
N ILE C 196 -30.53 8.51 -11.27
CA ILE C 196 -30.92 7.31 -11.91
C ILE C 196 -30.31 6.15 -11.16
N VAL C 197 -31.14 5.42 -10.44
CA VAL C 197 -30.71 4.32 -9.64
C VAL C 197 -30.86 3.06 -10.49
N ASP C 198 -29.84 2.84 -11.29
CA ASP C 198 -29.74 1.65 -12.12
C ASP C 198 -28.25 1.34 -12.28
N ASN C 199 -27.95 0.15 -12.75
CA ASN C 199 -26.59 -0.19 -13.07
C ASN C 199 -26.20 0.52 -14.34
N ILE C 200 -24.97 1.04 -14.40
CA ILE C 200 -24.54 1.85 -15.53
C ILE C 200 -24.64 1.06 -16.82
N VAL C 201 -24.38 -0.25 -16.75
CA VAL C 201 -24.47 -1.10 -17.91
C VAL C 201 -25.88 -1.19 -18.51
N ARG C 202 -26.92 -0.90 -17.73
CA ARG C 202 -28.29 -0.87 -18.27
C ARG C 202 -28.69 0.55 -18.64
N ALA C 203 -28.38 1.50 -17.77
CA ALA C 203 -28.73 2.91 -17.92
C ALA C 203 -28.22 3.55 -19.22
N TYR C 204 -26.95 3.34 -19.54
CA TYR C 204 -26.33 4.09 -20.62
C TYR C 204 -26.93 3.70 -21.97
N PRO C 205 -27.05 2.39 -22.23
CA PRO C 205 -27.71 1.97 -23.45
C PRO C 205 -29.19 2.32 -23.49
N ARG C 206 -29.88 2.19 -22.37
CA ARG C 206 -31.24 2.66 -22.31
C ARG C 206 -31.33 4.15 -22.68
N MET C 207 -30.46 4.96 -22.09
CA MET C 207 -30.54 6.39 -22.31
C MET C 207 -30.23 6.71 -23.78
N THR C 208 -29.36 5.91 -24.38
CA THR C 208 -29.07 6.05 -25.80
C THR C 208 -30.29 5.69 -26.66
N GLU C 209 -31.08 4.73 -26.23
CA GLU C 209 -32.34 4.44 -26.91
C GLU C 209 -33.26 5.66 -26.80
N LEU C 210 -33.49 6.09 -25.57
CA LEU C 210 -34.38 7.21 -25.31
C LEU C 210 -33.98 8.48 -26.05
N ALA C 211 -32.68 8.76 -26.11
CA ALA C 211 -32.22 9.95 -26.81
C ALA C 211 -32.74 9.91 -28.25
N ARG C 212 -32.67 8.73 -28.87
CA ARG C 212 -32.99 8.63 -30.28
C ARG C 212 -34.49 8.78 -30.53
N GLU C 213 -35.30 8.22 -29.64
CA GLU C 213 -36.76 8.42 -29.67
C GLU C 213 -37.07 9.89 -29.44
N MET C 214 -36.46 10.45 -28.42
CA MET C 214 -36.93 11.71 -27.88
C MET C 214 -36.38 12.91 -28.63
N LYS C 215 -35.46 12.68 -29.55
CA LYS C 215 -35.05 13.73 -30.44
C LYS C 215 -36.25 14.20 -31.27
N ASP C 216 -37.22 13.33 -31.49
CA ASP C 216 -38.33 13.70 -32.33
C ASP C 216 -39.41 14.39 -31.54
N TYR C 217 -39.31 14.35 -30.21
CA TYR C 217 -40.35 14.94 -29.39
C TYR C 217 -40.51 16.43 -29.70
N SER C 218 -41.68 17.00 -29.40
CA SER C 218 -41.83 18.44 -29.46
C SER C 218 -41.07 19.10 -28.32
N ARG C 219 -40.63 20.33 -28.54
CA ARG C 219 -40.10 21.15 -27.46
C ARG C 219 -41.01 21.14 -26.24
N GLY C 220 -42.28 21.44 -26.44
CA GLY C 220 -43.23 21.50 -25.32
C GLY C 220 -43.34 20.19 -24.53
N GLU C 221 -43.22 19.06 -25.21
CA GLU C 221 -43.23 17.76 -24.52
C GLU C 221 -41.97 17.51 -23.65
N LEU C 222 -40.80 17.82 -24.20
CA LEU C 222 -39.56 17.74 -23.43
C LEU C 222 -39.60 18.59 -22.16
N ILE C 223 -40.33 19.70 -22.22
CA ILE C 223 -40.33 20.66 -21.13
C ILE C 223 -41.27 20.16 -20.04
N ARG C 224 -42.44 19.69 -20.44
CA ARG C 224 -43.40 19.15 -19.50
C ARG C 224 -42.84 17.96 -18.70
N ILE C 225 -42.07 17.11 -19.36
CA ILE C 225 -41.44 15.95 -18.73
C ILE C 225 -40.39 16.40 -17.70
N ILE C 226 -39.56 17.35 -18.10
CA ILE C 226 -38.60 17.95 -17.20
C ILE C 226 -39.30 18.60 -16.01
N GLU C 227 -40.41 19.27 -16.26
CA GLU C 227 -41.04 20.03 -15.21
C GLU C 227 -41.79 19.14 -14.25
N GLU C 228 -42.26 18.00 -14.72
CA GLU C 228 -43.09 17.15 -13.89
C GLU C 228 -42.22 16.26 -13.03
N TYR C 229 -40.92 16.22 -13.32
CA TYR C 229 -40.08 15.25 -12.70
C TYR C 229 -39.73 15.73 -11.31
N ASP C 230 -39.71 14.80 -10.37
CA ASP C 230 -39.45 15.12 -8.98
C ASP C 230 -38.44 14.11 -8.45
N ASN C 231 -37.21 14.55 -8.23
CA ASN C 231 -36.16 13.61 -7.85
C ASN C 231 -36.40 13.10 -6.43
N GLY C 232 -37.14 13.86 -5.63
CA GLY C 232 -37.47 13.46 -4.27
C GLY C 232 -38.42 12.26 -4.27
N LYS C 233 -39.57 12.43 -4.91
CA LYS C 233 -40.52 11.34 -5.03
C LYS C 233 -39.87 10.12 -5.66
N THR C 234 -38.97 10.36 -6.59
CA THR C 234 -38.43 9.27 -7.40
C THR C 234 -37.51 8.42 -6.54
N LEU C 235 -36.68 9.07 -5.73
CA LEU C 235 -35.81 8.33 -4.82
C LEU C 235 -36.63 7.61 -3.77
N ASN C 236 -37.64 8.28 -3.23
CA ASN C 236 -38.52 7.65 -2.26
C ASN C 236 -39.06 6.35 -2.87
N ASP C 237 -39.49 6.45 -4.12
CA ASP C 237 -40.07 5.33 -4.84
C ASP C 237 -39.04 4.18 -5.01
N VAL C 238 -37.78 4.53 -5.19
CA VAL C 238 -36.75 3.49 -5.26
C VAL C 238 -36.65 2.70 -3.96
N LEU C 239 -36.68 3.40 -2.83
CA LEU C 239 -36.58 2.72 -1.52
C LEU C 239 -37.82 1.89 -1.21
N LEU C 240 -38.97 2.45 -1.47
CA LEU C 240 -40.21 1.70 -1.45
C LEU C 240 -40.10 0.45 -2.31
N HIS C 241 -39.53 0.55 -3.49
CA HIS C 241 -39.45 -0.63 -4.30
C HIS C 241 -38.55 -1.67 -3.61
N ILE C 242 -37.45 -1.21 -3.05
CA ILE C 242 -36.53 -2.12 -2.35
C ILE C 242 -37.18 -2.70 -1.09
N ARG C 243 -37.90 -1.89 -0.33
CA ARG C 243 -38.52 -2.40 0.90
C ARG C 243 -39.50 -3.48 0.58
N ASP C 244 -40.40 -3.19 -0.35
CA ASP C 244 -41.49 -4.10 -0.67
C ASP C 244 -40.95 -5.41 -1.18
N ARG C 245 -39.90 -5.34 -1.96
CA ARG C 245 -39.24 -6.54 -2.48
C ARG C 245 -38.69 -7.38 -1.34
N LEU C 246 -37.97 -6.72 -0.43
CA LEU C 246 -37.42 -7.41 0.72
C LEU C 246 -38.54 -8.04 1.52
N THR C 247 -39.68 -7.35 1.58
CA THR C 247 -40.77 -7.84 2.37
C THR C 247 -41.28 -9.08 1.72
N LYS C 248 -41.36 -9.06 0.41
CA LYS C 248 -41.93 -10.19 -0.32
C LYS C 248 -40.95 -11.35 -0.29
N LEU C 249 -39.68 -11.07 -0.54
CA LEU C 249 -38.66 -12.11 -0.36
C LEU C 249 -38.74 -12.75 1.04
N ALA C 250 -39.01 -11.95 2.07
CA ALA C 250 -39.09 -12.49 3.42
C ALA C 250 -40.35 -13.33 3.64
N GLU C 251 -41.48 -12.88 3.12
CA GLU C 251 -42.74 -13.56 3.39
C GLU C 251 -42.78 -14.91 2.68
N GLY C 252 -42.06 -15.01 1.57
CA GLY C 252 -42.03 -16.23 0.78
C GLY C 252 -41.02 -17.24 1.27
N GLY C 253 -39.93 -16.76 1.87
CA GLY C 253 -38.81 -17.62 2.22
C GLY C 253 -37.80 -17.71 1.08
N ILE C 254 -36.51 -17.61 1.41
CA ILE C 254 -35.46 -17.69 0.42
C ILE C 254 -34.52 -18.86 0.67
N TRP C 255 -34.60 -19.41 1.87
CA TRP C 255 -33.76 -20.55 2.22
C TRP C 255 -34.05 -21.76 1.34
N ARG C 256 -33.01 -22.24 0.67
CA ARG C 256 -33.13 -23.35 -0.29
C ARG C 256 -33.94 -23.01 -1.54
N LYS C 257 -34.27 -21.74 -1.74
CA LYS C 257 -34.87 -21.31 -3.00
C LYS C 257 -33.78 -21.03 -4.02
N LYS C 258 -34.11 -21.20 -5.29
CA LYS C 258 -33.08 -21.34 -6.32
C LYS C 258 -32.93 -20.10 -7.19
N GLN C 259 -33.90 -19.18 -7.14
CA GLN C 259 -33.81 -17.93 -7.91
C GLN C 259 -34.45 -16.74 -7.18
N SER D 7 -12.16 7.60 16.54
CA SER D 7 -12.14 6.78 15.30
C SER D 7 -13.10 7.38 14.28
N HIS D 8 -12.57 7.71 13.10
CA HIS D 8 -13.41 7.86 11.91
C HIS D 8 -14.34 6.64 11.81
N PRO D 9 -15.65 6.86 11.88
CA PRO D 9 -16.52 5.70 11.96
C PRO D 9 -16.18 4.71 10.86
N ARG D 10 -15.94 5.23 9.67
CA ARG D 10 -15.48 4.42 8.55
C ARG D 10 -13.98 4.14 8.69
N TYR D 11 -13.54 3.78 9.89
CA TYR D 11 -12.12 3.53 10.15
C TYR D 11 -11.76 2.08 9.84
N TRP D 12 -12.36 1.15 10.58
CA TRP D 12 -12.14 -0.27 10.33
C TRP D 12 -12.55 -0.61 8.90
N SER D 13 -13.60 0.03 8.41
CA SER D 13 -13.92 -0.04 6.99
C SER D 13 -12.64 0.09 6.19
N LEU D 14 -11.99 1.24 6.32
CA LEU D 14 -10.81 1.54 5.52
C LEU D 14 -9.61 0.67 5.94
N TYR D 15 -9.49 0.40 7.24
CA TYR D 15 -8.44 -0.50 7.74
C TYR D 15 -8.45 -1.82 6.98
N TYR D 16 -9.63 -2.35 6.70
CA TYR D 16 -9.73 -3.70 6.15
C TYR D 16 -9.74 -3.64 4.64
N ARG D 17 -10.10 -2.47 4.10
CA ARG D 17 -9.84 -2.19 2.70
C ARG D 17 -8.36 -2.34 2.38
N GLU D 18 -7.51 -1.88 3.28
CA GLU D 18 -6.06 -1.89 3.04
C GLU D 18 -5.52 -3.29 3.13
N LYS D 19 -6.00 -4.03 4.12
CA LYS D 19 -5.49 -5.37 4.38
C LYS D 19 -5.85 -6.27 3.21
N ILE D 20 -6.97 -5.95 2.58
CA ILE D 20 -7.38 -6.71 1.43
C ILE D 20 -6.54 -6.33 0.21
N ILE D 21 -6.18 -5.06 0.13
CA ILE D 21 -5.18 -4.61 -0.84
C ILE D 21 -3.87 -5.35 -0.61
N GLU D 22 -3.42 -5.39 0.65
CA GLU D 22 -2.11 -5.98 1.01
C GLU D 22 -2.08 -7.47 0.74
N GLY D 23 -3.24 -8.12 0.84
CA GLY D 23 -3.32 -9.54 0.57
C GLY D 23 -3.14 -9.80 -0.91
N MET D 24 -3.55 -8.84 -1.72
CA MET D 24 -3.40 -8.95 -3.16
C MET D 24 -1.93 -8.76 -3.58
N GLU D 25 -1.27 -7.73 -3.05
CA GLU D 25 0.16 -7.50 -3.31
C GLU D 25 1.08 -8.52 -2.64
N LYS D 26 0.56 -9.31 -1.71
CA LYS D 26 1.25 -10.50 -1.23
C LYS D 26 0.97 -11.75 -2.07
N GLY D 27 -0.08 -11.72 -2.90
CA GLY D 27 -0.35 -12.82 -3.81
C GLY D 27 -1.45 -13.74 -3.31
N MET D 28 -2.09 -13.36 -2.20
CA MET D 28 -3.04 -14.27 -1.55
C MET D 28 -4.41 -14.09 -2.18
N THR D 29 -4.79 -12.83 -2.35
CA THR D 29 -6.16 -12.53 -2.73
C THR D 29 -6.23 -12.05 -4.19
N ALA D 30 -7.04 -12.75 -4.97
CA ALA D 30 -7.32 -12.36 -6.36
C ALA D 30 -7.96 -10.97 -6.45
N LYS D 31 -7.84 -10.37 -7.64
CA LYS D 31 -8.55 -9.13 -7.97
C LYS D 31 -10.04 -9.33 -7.75
N ALA D 32 -10.56 -10.48 -8.16
CA ALA D 32 -11.95 -10.82 -7.93
C ALA D 32 -12.35 -10.66 -6.44
N GLY D 33 -11.42 -10.91 -5.55
CA GLY D 33 -11.67 -10.79 -4.12
C GLY D 33 -11.92 -9.36 -3.69
N LEU D 34 -11.29 -8.40 -4.36
CA LEU D 34 -11.53 -7.00 -4.05
C LEU D 34 -12.99 -6.66 -4.34
N ILE D 35 -13.52 -7.20 -5.44
CA ILE D 35 -14.88 -6.88 -5.82
C ILE D 35 -15.78 -7.44 -4.73
N ALA D 36 -15.51 -8.68 -4.35
CA ALA D 36 -16.29 -9.40 -3.33
C ALA D 36 -16.21 -8.70 -1.99
N HIS D 37 -15.06 -8.12 -1.68
CA HIS D 37 -14.92 -7.35 -0.46
C HIS D 37 -15.81 -6.12 -0.48
N GLY D 38 -15.97 -5.52 -1.65
CA GLY D 38 -16.85 -4.37 -1.80
C GLY D 38 -18.34 -4.72 -1.69
N ARG D 39 -18.74 -5.85 -2.27
CA ARG D 39 -20.04 -6.43 -1.96
C ARG D 39 -20.22 -6.54 -0.45
N GLY D 40 -19.21 -7.10 0.21
CA GLY D 40 -19.23 -7.22 1.68
C GLY D 40 -19.41 -5.88 2.36
N GLU D 41 -18.56 -4.93 2.00
CA GLU D 41 -18.56 -3.63 2.64
C GLU D 41 -19.97 -3.00 2.63
N ALA D 42 -20.65 -3.14 1.50
CA ALA D 42 -21.92 -2.43 1.27
C ALA D 42 -23.00 -3.09 2.11
N PHE D 43 -22.98 -4.42 2.15
CA PHE D 43 -23.95 -5.13 2.93
C PHE D 43 -23.74 -4.87 4.41
N ASP D 44 -22.49 -4.79 4.81
CA ASP D 44 -22.18 -4.51 6.19
C ASP D 44 -22.76 -3.15 6.53
N TYR D 45 -22.65 -2.21 5.61
CA TYR D 45 -23.26 -0.91 5.84
C TYR D 45 -24.76 -1.07 6.01
N LEU D 46 -25.37 -1.90 5.18
CA LEU D 46 -26.82 -2.11 5.25
C LEU D 46 -27.20 -2.81 6.56
N ILE D 47 -26.36 -3.74 7.00
CA ILE D 47 -26.56 -4.47 8.24
C ILE D 47 -26.39 -3.53 9.43
N GLY D 48 -25.44 -2.60 9.32
CA GLY D 48 -25.08 -1.71 10.44
C GLY D 48 -23.70 -1.97 11.04
N GLU D 49 -22.90 -2.75 10.33
CA GLU D 49 -21.52 -2.91 10.72
C GLU D 49 -21.39 -3.39 12.18
N ARG D 50 -22.29 -4.28 12.58
CA ARG D 50 -22.22 -4.93 13.88
C ARG D 50 -22.72 -6.37 13.80
N THR D 51 -22.48 -7.15 14.84
CA THR D 51 -23.02 -8.50 14.89
C THR D 51 -24.46 -8.44 15.33
N ILE D 52 -25.37 -8.52 14.37
CA ILE D 52 -26.78 -8.41 14.65
C ILE D 52 -27.31 -9.69 15.31
N GLU D 53 -28.47 -9.58 15.93
CA GLU D 53 -28.95 -10.65 16.76
C GLU D 53 -29.07 -11.95 15.94
N PRO D 54 -29.53 -11.84 14.67
CA PRO D 54 -29.66 -13.07 13.87
C PRO D 54 -28.34 -13.73 13.54
N ALA D 55 -27.29 -12.93 13.51
CA ALA D 55 -25.96 -13.46 13.35
C ALA D 55 -25.54 -14.18 14.63
N GLU D 56 -25.85 -13.57 15.77
CA GLU D 56 -25.45 -14.15 17.06
C GLU D 56 -26.16 -15.50 17.28
N ARG D 57 -27.44 -15.55 16.95
CA ARG D 57 -28.24 -16.76 17.11
C ARG D 57 -27.70 -17.88 16.21
N ALA D 58 -27.29 -17.53 14.99
CA ALA D 58 -26.73 -18.52 14.08
C ALA D 58 -25.33 -18.99 14.54
N MET D 59 -24.53 -18.09 15.07
CA MET D 59 -23.20 -18.52 15.54
C MET D 59 -23.31 -19.45 16.76
N ARG D 60 -24.29 -19.20 17.62
CA ARG D 60 -24.54 -20.13 18.73
C ARG D 60 -24.81 -21.51 18.18
N ALA D 61 -25.72 -21.60 17.23
CA ALA D 61 -26.18 -22.90 16.76
C ALA D 61 -25.07 -23.57 15.97
N ALA D 62 -24.23 -22.76 15.34
CA ALA D 62 -23.14 -23.26 14.54
C ALA D 62 -21.95 -23.75 15.40
N VAL D 63 -21.56 -22.97 16.40
CA VAL D 63 -20.61 -23.45 17.38
C VAL D 63 -21.09 -24.73 18.08
N ALA D 64 -22.38 -24.82 18.39
CA ALA D 64 -22.86 -26.03 19.04
C ALA D 64 -22.60 -27.20 18.12
N LYS D 65 -22.99 -27.02 16.86
CA LYS D 65 -22.83 -28.05 15.85
C LYS D 65 -21.35 -28.44 15.69
N LEU D 66 -20.49 -27.45 15.61
CA LEU D 66 -19.07 -27.70 15.43
C LEU D 66 -18.50 -28.48 16.60
N LEU D 67 -18.95 -28.16 17.80
CA LEU D 67 -18.43 -28.81 19.02
C LEU D 67 -18.83 -30.28 19.08
N LEU D 68 -20.02 -30.60 18.58
CA LEU D 68 -20.50 -31.97 18.62
C LEU D 68 -19.99 -32.75 17.42
N ALA D 69 -19.25 -32.10 16.52
CA ALA D 69 -18.91 -32.74 15.24
C ALA D 69 -17.75 -33.74 15.40
N GLU D 70 -17.79 -34.83 14.64
CA GLU D 70 -16.66 -35.77 14.62
C GLU D 70 -15.43 -35.17 13.95
N ASN D 71 -15.61 -34.64 12.75
CA ASN D 71 -14.46 -34.14 11.98
C ASN D 71 -14.72 -32.76 11.40
N PRO D 72 -14.84 -31.75 12.28
CA PRO D 72 -14.96 -30.36 11.86
C PRO D 72 -13.80 -29.88 11.01
N VAL D 73 -14.12 -29.18 9.92
CA VAL D 73 -13.10 -28.47 9.17
C VAL D 73 -13.45 -27.00 9.02
N VAL D 74 -12.46 -26.15 9.30
CA VAL D 74 -12.52 -24.76 8.87
C VAL D 74 -11.76 -24.58 7.55
N SER D 75 -12.38 -23.87 6.62
CA SER D 75 -11.78 -23.60 5.30
C SER D 75 -11.28 -22.17 5.17
N VAL D 76 -10.16 -22.03 4.46
CA VAL D 76 -9.50 -20.75 4.30
C VAL D 76 -9.30 -20.43 2.81
N ASN D 77 -9.50 -19.16 2.48
CA ASN D 77 -9.25 -18.70 1.14
C ASN D 77 -8.60 -17.32 1.14
N GLY D 78 -8.59 -16.70 -0.04
CA GLY D 78 -7.70 -15.60 -0.30
C GLY D 78 -8.08 -14.47 0.59
N ASN D 79 -9.39 -14.27 0.73
CA ASN D 79 -9.91 -13.11 1.41
C ASN D 79 -9.86 -13.34 2.91
N VAL D 80 -10.07 -14.60 3.30
CA VAL D 80 -9.97 -14.93 4.71
C VAL D 80 -8.52 -14.78 5.17
N ALA D 81 -7.57 -15.19 4.31
CA ALA D 81 -6.16 -15.15 4.68
C ALA D 81 -5.66 -13.72 4.75
N ALA D 82 -6.44 -12.81 4.19
CA ALA D 82 -6.06 -11.39 4.19
C ALA D 82 -6.57 -10.65 5.43
N LEU D 83 -7.78 -11.00 5.87
CA LEU D 83 -8.46 -10.24 6.91
C LEU D 83 -8.25 -10.81 8.30
N VAL D 84 -8.26 -12.14 8.44
CA VAL D 84 -8.27 -12.76 9.78
C VAL D 84 -7.44 -14.05 9.85
N PRO D 85 -6.17 -14.00 9.43
CA PRO D 85 -5.38 -15.22 9.44
C PRO D 85 -5.16 -15.78 10.85
N LYS D 86 -4.83 -14.92 11.80
CA LYS D 86 -4.64 -15.36 13.18
C LYS D 86 -5.96 -15.90 13.76
N GLU D 87 -7.02 -15.13 13.59
CA GLU D 87 -8.35 -15.50 14.09
C GLU D 87 -8.87 -16.81 13.53
N THR D 88 -8.54 -17.09 12.28
CA THR D 88 -9.02 -18.31 11.66
C THR D 88 -8.28 -19.50 12.29
N ILE D 89 -7.05 -19.25 12.72
CA ILE D 89 -6.26 -20.26 13.44
C ILE D 89 -6.77 -20.49 14.87
N GLU D 90 -7.01 -19.39 15.60
CA GLU D 90 -7.60 -19.48 16.95
C GLU D 90 -8.91 -20.21 16.91
N LEU D 91 -9.80 -19.83 16.00
CA LEU D 91 -11.07 -20.51 15.90
C LEU D 91 -10.90 -22.03 15.80
N ALA D 92 -10.02 -22.48 14.89
CA ALA D 92 -9.90 -23.91 14.61
C ALA D 92 -9.40 -24.68 15.84
N ARG D 93 -8.46 -24.07 16.55
CA ARG D 93 -7.94 -24.68 17.77
C ARG D 93 -9.09 -24.79 18.76
N ALA D 94 -9.74 -23.67 19.05
CA ALA D 94 -10.88 -23.67 19.99
C ALA D 94 -11.83 -24.81 19.67
N LEU D 95 -11.99 -25.10 18.40
CA LEU D 95 -12.98 -26.10 17.99
C LEU D 95 -12.33 -27.46 17.86
N ASN D 96 -11.01 -27.46 17.95
CA ASN D 96 -10.25 -28.62 17.56
C ASN D 96 -10.63 -29.03 16.13
N ALA D 97 -10.49 -28.08 15.21
CA ALA D 97 -10.84 -28.33 13.80
C ALA D 97 -9.58 -28.43 12.96
N LYS D 98 -9.60 -29.30 11.97
CA LYS D 98 -8.65 -29.17 10.85
C LYS D 98 -8.88 -27.87 10.09
N LEU D 99 -7.82 -27.36 9.48
CA LEU D 99 -7.85 -26.08 8.80
C LEU D 99 -7.39 -26.30 7.38
N GLU D 100 -8.25 -26.04 6.40
CA GLU D 100 -8.01 -26.47 5.02
C GLU D 100 -8.04 -25.28 4.07
N ILE D 101 -6.97 -25.12 3.29
CA ILE D 101 -6.94 -24.08 2.30
C ILE D 101 -7.81 -24.51 1.12
N ASN D 102 -8.70 -23.61 0.74
CA ASN D 102 -9.56 -23.87 -0.42
C ASN D 102 -9.88 -22.58 -1.20
N LEU D 103 -9.48 -22.57 -2.47
CA LEU D 103 -9.57 -21.37 -3.33
C LEU D 103 -10.32 -21.68 -4.63
N PHE D 104 -10.97 -20.66 -5.21
CA PHE D 104 -11.61 -20.85 -6.50
C PHE D 104 -10.60 -20.85 -7.63
N TYR D 105 -9.70 -19.87 -7.63
CA TYR D 105 -8.51 -19.93 -8.46
C TYR D 105 -7.36 -20.52 -7.65
N ARG D 106 -7.13 -21.82 -7.84
CA ARG D 106 -5.94 -22.48 -7.29
C ARG D 106 -4.69 -22.10 -8.08
N THR D 107 -3.87 -21.24 -7.49
CA THR D 107 -2.52 -21.00 -7.97
C THR D 107 -1.51 -21.47 -6.94
N GLU D 108 -0.50 -22.18 -7.40
CA GLU D 108 0.53 -22.67 -6.51
C GLU D 108 1.16 -21.49 -5.75
N ASP D 109 1.37 -20.37 -6.44
CA ASP D 109 1.93 -19.20 -5.80
C ASP D 109 1.04 -18.73 -4.66
N ARG D 110 -0.27 -18.79 -4.87
CA ARG D 110 -1.23 -18.17 -3.97
C ARG D 110 -1.46 -19.08 -2.76
N VAL D 111 -1.49 -20.38 -3.03
CA VAL D 111 -1.58 -21.39 -1.99
C VAL D 111 -0.37 -21.25 -1.09
N LYS D 112 0.80 -21.17 -1.71
CA LYS D 112 2.04 -20.96 -0.98
C LYS D 112 1.99 -19.68 -0.13
N ALA D 113 1.35 -18.64 -0.63
CA ALA D 113 1.43 -17.32 -0.01
C ALA D 113 0.47 -17.24 1.17
N ILE D 114 -0.58 -18.05 1.09
CA ILE D 114 -1.53 -18.18 2.18
C ILE D 114 -0.96 -19.09 3.28
N ALA D 115 -0.45 -20.24 2.88
CA ALA D 115 0.17 -21.16 3.81
C ALA D 115 1.27 -20.45 4.57
N GLU D 116 2.02 -19.63 3.86
CA GLU D 116 3.03 -18.78 4.48
C GLU D 116 2.42 -17.81 5.50
N GLU D 117 1.28 -17.22 5.14
CA GLU D 117 0.69 -16.21 5.98
C GLU D 117 0.21 -16.87 7.27
N LEU D 118 -0.37 -18.06 7.12
CA LEU D 118 -0.95 -18.78 8.24
C LEU D 118 0.14 -19.31 9.17
N ARG D 119 1.29 -19.67 8.58
CA ARG D 119 2.43 -20.22 9.30
C ARG D 119 3.11 -19.16 10.14
N LYS D 120 3.16 -17.94 9.64
CA LYS D 120 3.65 -16.82 10.43
C LYS D 120 3.07 -16.83 11.86
N TYR D 121 1.76 -17.04 11.97
CA TYR D 121 1.07 -16.88 13.24
C TYR D 121 1.11 -18.17 14.04
N ASP D 122 1.15 -19.29 13.32
CA ASP D 122 1.24 -20.58 13.98
C ASP D 122 2.25 -21.45 13.27
N PRO D 123 3.53 -21.27 13.60
CA PRO D 123 4.60 -21.80 12.76
C PRO D 123 4.49 -23.30 12.60
N GLU D 124 3.85 -23.95 13.57
CA GLU D 124 3.33 -25.30 13.37
C GLU D 124 1.98 -25.21 12.67
N ILE D 125 1.01 -25.98 13.15
CA ILE D 125 -0.32 -26.04 12.55
C ILE D 125 -0.35 -26.80 11.22
N GLU D 126 -1.12 -27.87 11.19
CA GLU D 126 -1.23 -28.70 10.01
C GLU D 126 -2.19 -28.09 8.99
N LEU D 127 -1.66 -27.60 7.87
CA LEU D 127 -2.48 -26.97 6.84
C LEU D 127 -2.79 -27.95 5.72
N LEU D 128 -4.05 -28.41 5.68
CA LEU D 128 -4.56 -29.21 4.57
C LEU D 128 -4.86 -28.37 3.32
N GLY D 129 -5.24 -29.04 2.23
CA GLY D 129 -5.51 -28.38 0.95
C GLY D 129 -4.30 -27.81 0.22
N ILE D 130 -3.09 -28.06 0.71
CA ILE D 130 -1.92 -28.21 -0.14
C ILE D 130 -2.11 -29.54 -0.85
N ASN D 131 -1.94 -29.54 -2.16
CA ASN D 131 -2.02 -30.77 -2.93
C ASN D 131 -3.23 -31.61 -2.55
N PRO D 132 -4.43 -31.04 -2.69
CA PRO D 132 -5.64 -31.81 -2.44
C PRO D 132 -5.92 -32.78 -3.57
N THR D 133 -6.40 -33.98 -3.25
CA THR D 133 -6.49 -35.04 -4.27
C THR D 133 -7.86 -35.73 -4.30
N LYS D 134 -8.87 -35.08 -3.78
CA LYS D 134 -10.22 -35.61 -3.92
C LYS D 134 -11.10 -34.54 -4.55
N ARG D 135 -12.27 -34.94 -5.02
CA ARG D 135 -13.05 -34.08 -5.89
C ARG D 135 -14.54 -34.12 -5.57
N ILE D 136 -15.15 -32.94 -5.53
CA ILE D 136 -16.52 -32.79 -5.06
C ILE D 136 -17.46 -33.15 -6.21
N PRO D 137 -18.26 -34.21 -6.05
CA PRO D 137 -19.32 -34.49 -7.00
C PRO D 137 -20.05 -33.20 -7.43
N GLY D 138 -20.37 -33.11 -8.73
CA GLY D 138 -20.69 -31.83 -9.36
C GLY D 138 -19.43 -31.05 -9.70
N LEU D 139 -19.59 -29.76 -9.95
CA LEU D 139 -18.48 -28.81 -9.85
C LEU D 139 -17.56 -28.85 -11.06
N GLU D 140 -17.33 -27.67 -11.64
CA GLU D 140 -16.12 -27.40 -12.39
C GLU D 140 -14.88 -27.83 -11.59
N HIS D 141 -14.05 -28.67 -12.20
CA HIS D 141 -12.68 -28.89 -11.74
C HIS D 141 -11.79 -27.72 -12.17
N GLU D 142 -11.46 -26.81 -11.26
CA GLU D 142 -11.49 -27.07 -9.83
C GLU D 142 -11.40 -25.76 -9.06
N GLY D 144 -13.53 -28.33 -7.64
CA GLY D 144 -14.10 -29.31 -6.72
C GLY D 144 -13.05 -30.13 -6.01
N LYS D 145 -11.85 -29.57 -5.85
CA LYS D 145 -10.71 -30.24 -5.22
C LYS D 145 -10.73 -30.03 -3.71
N VAL D 146 -10.90 -31.11 -2.95
CA VAL D 146 -10.71 -31.07 -1.50
C VAL D 146 -9.54 -31.95 -1.05
N ASP D 147 -9.19 -31.85 0.23
CA ASP D 147 -8.17 -32.69 0.83
C ASP D 147 -8.79 -33.91 1.52
N GLU D 148 -8.21 -35.08 1.30
CA GLU D 148 -8.88 -36.35 1.61
C GLU D 148 -8.94 -36.50 3.11
N ASN D 149 -8.01 -35.83 3.79
CA ASN D 149 -7.97 -35.81 5.23
C ASN D 149 -8.71 -34.63 5.86
N GLY D 150 -9.18 -33.70 5.02
CA GLY D 150 -9.93 -32.55 5.51
C GLY D 150 -11.39 -32.64 5.11
N ILE D 151 -11.79 -31.79 4.16
CA ILE D 151 -13.21 -31.60 3.88
C ILE D 151 -13.83 -32.91 3.39
N TRP D 152 -12.97 -33.78 2.85
CA TRP D 152 -13.40 -35.05 2.27
C TRP D 152 -13.97 -35.93 3.36
N LYS D 153 -13.34 -35.86 4.54
CA LYS D 153 -13.74 -36.61 5.73
C LYS D 153 -14.97 -36.00 6.44
N ALA D 154 -15.13 -34.68 6.32
CA ALA D 154 -15.79 -33.87 7.36
C ALA D 154 -17.29 -34.13 7.50
N ASP D 155 -17.79 -34.17 8.73
CA ASP D 155 -19.24 -34.16 8.93
C ASP D 155 -19.79 -32.73 8.95
N VAL D 156 -18.97 -31.80 9.41
CA VAL D 156 -19.38 -30.41 9.48
C VAL D 156 -18.25 -29.53 8.99
N VAL D 157 -18.54 -28.62 8.06
CA VAL D 157 -17.53 -27.67 7.59
C VAL D 157 -17.97 -26.22 7.73
N VAL D 158 -17.02 -25.37 8.09
CA VAL D 158 -17.17 -23.94 7.91
C VAL D 158 -16.53 -23.47 6.60
N VAL D 159 -17.31 -22.75 5.80
CA VAL D 159 -16.80 -22.18 4.56
C VAL D 159 -17.19 -20.72 4.45
N PRO D 160 -16.29 -19.84 4.91
CA PRO D 160 -16.57 -18.43 4.87
C PRO D 160 -16.41 -17.87 3.47
N LEU D 161 -17.23 -16.88 3.13
CA LEU D 161 -17.09 -16.15 1.88
C LEU D 161 -16.99 -17.11 0.71
N GLU D 162 -17.87 -18.08 0.67
CA GLU D 162 -17.83 -19.14 -0.32
C GLU D 162 -18.62 -18.78 -1.58
N ASP D 163 -18.14 -19.29 -2.71
CA ASP D 163 -18.92 -19.34 -3.93
C ASP D 163 -19.95 -20.45 -3.82
N GLY D 164 -21.17 -20.17 -4.26
CA GLY D 164 -22.33 -20.93 -3.84
C GLY D 164 -22.51 -22.24 -4.59
N ASP D 165 -21.82 -22.39 -5.71
CA ASP D 165 -21.78 -23.69 -6.36
C ASP D 165 -21.06 -24.70 -5.46
N ARG D 166 -19.95 -24.25 -4.87
CA ARG D 166 -19.21 -25.10 -3.94
C ARG D 166 -20.09 -25.47 -2.74
N THR D 167 -20.79 -24.47 -2.21
CA THR D 167 -21.63 -24.63 -1.03
C THR D 167 -22.80 -25.58 -1.30
N GLU D 168 -23.44 -25.44 -2.45
CA GLU D 168 -24.54 -26.31 -2.82
C GLU D 168 -23.96 -27.70 -2.98
N ALA D 169 -22.75 -27.76 -3.48
CA ALA D 169 -22.12 -29.03 -3.80
C ALA D 169 -21.77 -29.80 -2.52
N LEU D 170 -21.25 -29.09 -1.53
CA LEU D 170 -20.87 -29.72 -0.28
C LEU D 170 -22.10 -30.22 0.46
N VAL D 171 -23.21 -29.50 0.37
CA VAL D 171 -24.49 -29.98 0.93
C VAL D 171 -24.93 -31.23 0.22
N ARG D 172 -24.75 -31.24 -1.10
CA ARG D 172 -25.14 -32.36 -1.96
C ARG D 172 -24.49 -33.67 -1.52
N MET D 173 -23.17 -33.63 -1.29
CA MET D 173 -22.50 -34.79 -0.71
C MET D 173 -23.15 -35.16 0.61
N GLY D 174 -23.66 -34.16 1.34
CA GLY D 174 -24.32 -34.40 2.61
C GLY D 174 -23.48 -33.95 3.79
N LYS D 175 -22.49 -33.10 3.50
CA LYS D 175 -21.85 -32.27 4.52
C LYS D 175 -22.80 -31.23 5.11
N PHE D 176 -22.73 -31.07 6.42
CA PHE D 176 -23.44 -29.99 7.08
C PHE D 176 -22.59 -28.75 6.91
N VAL D 177 -23.11 -27.79 6.18
CA VAL D 177 -22.33 -26.62 5.80
C VAL D 177 -22.79 -25.38 6.56
N ILE D 178 -21.81 -24.71 7.14
CA ILE D 178 -22.00 -23.45 7.82
C ILE D 178 -21.22 -22.39 7.03
N THR D 179 -21.87 -21.31 6.67
CA THR D 179 -21.16 -20.23 6.04
C THR D 179 -21.25 -18.90 6.78
N ILE D 180 -20.25 -18.08 6.56
CA ILE D 180 -20.28 -16.69 6.99
C ILE D 180 -20.31 -15.89 5.71
N ASP D 181 -21.34 -15.08 5.57
CA ASP D 181 -21.56 -14.29 4.36
C ASP D 181 -22.42 -13.06 4.69
N LEU D 182 -21.91 -11.90 4.33
CA LEU D 182 -22.61 -10.69 4.61
C LEU D 182 -23.73 -10.43 3.62
N ASN D 183 -23.71 -11.13 2.49
CA ASN D 183 -24.85 -11.05 1.55
C ASN D 183 -25.81 -12.16 1.79
N PRO D 184 -26.98 -11.82 2.35
CA PRO D 184 -27.94 -12.87 2.67
C PRO D 184 -28.54 -13.50 1.44
N LEU D 185 -28.57 -12.75 0.36
CA LEU D 185 -29.23 -13.24 -0.85
C LEU D 185 -28.28 -14.04 -1.73
N SER D 186 -27.02 -14.19 -1.33
CA SER D 186 -26.08 -14.97 -2.13
C SER D 186 -26.56 -16.40 -2.20
N ARG D 187 -26.14 -17.12 -3.24
CA ARG D 187 -26.54 -18.49 -3.43
C ARG D 187 -26.00 -19.32 -2.30
N SER D 188 -24.81 -18.97 -1.84
CA SER D 188 -24.18 -19.70 -0.75
C SER D 188 -24.96 -19.48 0.56
N ALA D 189 -25.30 -18.22 0.84
CA ALA D 189 -26.18 -17.89 1.96
C ALA D 189 -27.43 -18.72 1.97
N ARG D 190 -28.10 -18.81 0.82
CA ARG D 190 -29.42 -19.45 0.75
C ARG D 190 -29.33 -20.96 0.81
N MET D 191 -28.14 -21.50 0.55
CA MET D 191 -27.97 -22.94 0.45
C MET D 191 -27.34 -23.55 1.71
N ALA D 192 -26.58 -22.75 2.47
CA ALA D 192 -26.00 -23.26 3.71
C ALA D 192 -27.06 -23.86 4.65
N ASP D 193 -26.65 -24.78 5.52
CA ASP D 193 -27.49 -25.22 6.64
C ASP D 193 -27.57 -24.15 7.72
N ILE D 194 -26.44 -23.52 8.02
CA ILE D 194 -26.45 -22.39 8.93
C ILE D 194 -25.71 -21.26 8.27
N THR D 195 -26.38 -20.12 8.21
CA THR D 195 -25.82 -18.95 7.60
C THR D 195 -25.67 -17.83 8.60
N ILE D 196 -24.42 -17.38 8.75
CA ILE D 196 -24.09 -16.29 9.63
C ILE D 196 -23.87 -15.02 8.82
N VAL D 197 -24.88 -14.16 8.83
CA VAL D 197 -24.75 -12.89 8.19
C VAL D 197 -24.02 -11.87 9.06
N ASP D 198 -22.70 -11.86 8.91
CA ASP D 198 -21.86 -11.00 9.69
C ASP D 198 -20.53 -10.86 8.97
N ASN D 199 -19.86 -9.75 9.20
CA ASN D 199 -18.49 -9.58 8.71
C ASN D 199 -17.56 -10.61 9.35
N ILE D 200 -16.81 -11.33 8.54
CA ILE D 200 -16.03 -12.42 9.07
C ILE D 200 -15.10 -11.86 10.13
N VAL D 201 -14.69 -10.63 9.91
CA VAL D 201 -13.82 -9.91 10.83
C VAL D 201 -14.37 -9.91 12.27
N ARG D 202 -15.70 -9.92 12.41
CA ARG D 202 -16.35 -10.08 13.71
C ARG D 202 -16.74 -11.53 13.99
N ALA D 203 -17.15 -12.25 12.97
CA ALA D 203 -17.73 -13.55 13.21
C ALA D 203 -16.69 -14.47 13.81
N TYR D 204 -15.46 -14.41 13.31
CA TYR D 204 -14.49 -15.44 13.66
C TYR D 204 -14.02 -15.33 15.09
N PRO D 205 -13.67 -14.12 15.56
CA PRO D 205 -13.37 -13.94 16.97
C PRO D 205 -14.57 -14.20 17.89
N ARG D 206 -15.76 -13.95 17.39
CA ARG D 206 -16.97 -14.13 18.20
C ARG D 206 -17.29 -15.62 18.36
N MET D 207 -17.10 -16.38 17.29
CA MET D 207 -17.28 -17.83 17.35
C MET D 207 -16.19 -18.48 18.25
N THR D 208 -15.06 -17.81 18.36
CA THR D 208 -14.01 -18.33 19.21
C THR D 208 -14.39 -18.16 20.68
N GLU D 209 -14.81 -16.95 21.04
CA GLU D 209 -15.41 -16.68 22.35
C GLU D 209 -16.49 -17.69 22.68
N LEU D 210 -17.44 -17.85 21.79
CA LEU D 210 -18.52 -18.80 22.02
C LEU D 210 -18.02 -20.21 22.32
N ALA D 211 -17.01 -20.65 21.57
CA ALA D 211 -16.49 -22.01 21.73
C ALA D 211 -15.81 -22.22 23.09
N ARG D 212 -15.14 -21.18 23.57
CA ARG D 212 -14.56 -21.26 24.89
C ARG D 212 -15.64 -21.28 25.95
N GLU D 213 -16.75 -20.59 25.68
CA GLU D 213 -17.82 -20.49 26.67
C GLU D 213 -18.62 -21.78 26.67
N MET D 214 -18.83 -22.36 25.50
CA MET D 214 -19.72 -23.50 25.40
C MET D 214 -18.94 -24.82 25.57
N LYS D 215 -17.68 -24.74 25.97
CA LYS D 215 -16.87 -25.96 26.04
C LYS D 215 -17.25 -26.83 27.24
N ASP D 216 -17.79 -26.21 28.28
CA ASP D 216 -18.26 -26.93 29.44
C ASP D 216 -19.71 -27.31 29.32
N TYR D 217 -20.34 -26.93 28.22
CA TYR D 217 -21.73 -27.29 28.04
C TYR D 217 -21.79 -28.80 27.91
N SER D 218 -22.89 -29.37 28.35
CA SER D 218 -23.10 -30.77 28.17
C SER D 218 -23.62 -30.97 26.76
N ARG D 219 -23.75 -32.22 26.37
CA ARG D 219 -24.16 -32.58 25.04
C ARG D 219 -25.65 -32.24 24.87
N GLY D 220 -26.44 -32.48 25.91
CA GLY D 220 -27.87 -32.14 25.86
C GLY D 220 -28.14 -30.64 25.73
N GLU D 221 -27.32 -29.81 26.36
CA GLU D 221 -27.41 -28.39 26.12
C GLU D 221 -27.08 -28.03 24.67
N LEU D 222 -26.04 -28.63 24.09
CA LEU D 222 -25.66 -28.30 22.72
C LEU D 222 -26.68 -28.83 21.72
N ILE D 223 -27.27 -29.98 22.03
CA ILE D 223 -28.26 -30.54 21.16
C ILE D 223 -29.51 -29.68 21.17
N ARG D 224 -29.85 -29.14 22.32
CA ARG D 224 -31.02 -28.27 22.39
C ARG D 224 -30.84 -27.05 21.49
N ILE D 225 -29.72 -26.34 21.67
CA ILE D 225 -29.45 -25.17 20.87
C ILE D 225 -29.53 -25.50 19.39
N ILE D 226 -28.90 -26.60 19.00
CA ILE D 226 -28.89 -27.03 17.60
C ILE D 226 -30.29 -27.29 17.10
N GLU D 227 -31.07 -28.03 17.87
CA GLU D 227 -32.37 -28.48 17.41
C GLU D 227 -33.35 -27.32 17.30
N GLU D 228 -33.09 -26.24 18.01
CA GLU D 228 -34.01 -25.09 18.07
C GLU D 228 -33.79 -24.17 16.85
N TYR D 229 -32.61 -24.27 16.26
CA TYR D 229 -32.21 -23.32 15.24
C TYR D 229 -32.96 -23.56 13.94
N ASP D 230 -33.40 -22.46 13.33
CA ASP D 230 -34.15 -22.48 12.07
C ASP D 230 -33.50 -21.52 11.09
N ASN D 231 -32.78 -22.03 10.09
CA ASN D 231 -31.97 -21.15 9.28
C ASN D 231 -32.84 -20.33 8.34
N GLY D 232 -34.06 -20.81 8.12
CA GLY D 232 -34.99 -20.11 7.24
C GLY D 232 -35.48 -18.81 7.87
N LYS D 233 -36.07 -18.93 9.05
CA LYS D 233 -36.52 -17.77 9.78
C LYS D 233 -35.38 -16.78 10.02
N THR D 234 -34.15 -17.29 10.17
CA THR D 234 -33.05 -16.42 10.50
C THR D 234 -32.68 -15.58 9.30
N LEU D 235 -32.78 -16.18 8.12
CA LEU D 235 -32.49 -15.43 6.90
C LEU D 235 -33.57 -14.41 6.61
N ASN D 236 -34.81 -14.77 6.88
CA ASN D 236 -35.91 -13.84 6.72
C ASN D 236 -35.76 -12.68 7.69
N ASP D 237 -35.30 -12.98 8.90
CA ASP D 237 -35.14 -11.94 9.91
C ASP D 237 -34.09 -10.97 9.44
N VAL D 238 -33.08 -11.49 8.75
CA VAL D 238 -32.04 -10.64 8.20
C VAL D 238 -32.57 -9.78 7.06
N LEU D 239 -33.34 -10.38 6.16
CA LEU D 239 -33.94 -9.60 5.10
C LEU D 239 -34.70 -8.41 5.70
N LEU D 240 -35.47 -8.65 6.75
CA LEU D 240 -36.41 -7.64 7.28
C LEU D 240 -35.63 -6.59 8.06
N HIS D 241 -34.51 -7.03 8.62
CA HIS D 241 -33.63 -6.16 9.36
C HIS D 241 -33.04 -5.10 8.43
N ILE D 242 -32.54 -5.55 7.29
CA ILE D 242 -32.00 -4.64 6.29
C ILE D 242 -33.11 -3.71 5.79
N ARG D 243 -34.28 -4.28 5.56
CA ARG D 243 -35.41 -3.46 5.13
C ARG D 243 -35.65 -2.35 6.14
N ASP D 244 -35.57 -2.67 7.44
CA ASP D 244 -35.92 -1.67 8.45
C ASP D 244 -34.83 -0.63 8.58
N ARG D 245 -33.61 -1.03 8.27
CA ARG D 245 -32.50 -0.11 8.34
C ARG D 245 -32.56 0.92 7.19
N LEU D 246 -32.97 0.45 6.01
CA LEU D 246 -33.16 1.32 4.86
C LEU D 246 -34.26 2.35 5.11
N THR D 247 -35.39 1.88 5.64
CA THR D 247 -36.45 2.82 5.94
C THR D 247 -36.04 3.84 7.01
N LYS D 248 -35.12 3.47 7.88
CA LYS D 248 -34.63 4.44 8.85
C LYS D 248 -33.56 5.36 8.27
N LEU D 249 -32.67 4.82 7.43
CA LEU D 249 -31.72 5.68 6.74
C LEU D 249 -32.40 6.73 5.83
N ALA D 250 -33.61 6.42 5.35
CA ALA D 250 -34.32 7.30 4.39
C ALA D 250 -35.30 8.27 5.03
N GLU D 251 -35.70 8.00 6.26
CA GLU D 251 -36.77 8.75 6.94
C GLU D 251 -36.54 10.24 6.87
N GLY D 252 -37.59 11.00 6.57
CA GLY D 252 -37.50 12.46 6.59
C GLY D 252 -37.24 13.08 5.23
N GLY D 253 -36.94 12.25 4.23
CA GLY D 253 -36.47 12.74 2.94
C GLY D 253 -35.07 12.24 2.61
N ILE D 254 -34.87 11.82 1.37
CA ILE D 254 -33.52 11.60 0.85
C ILE D 254 -33.01 12.85 0.14
N TRP D 255 -33.81 13.37 -0.79
CA TRP D 255 -33.23 14.26 -1.79
C TRP D 255 -32.87 15.58 -1.13
N ARG D 256 -31.69 16.08 -1.47
CA ARG D 256 -31.16 17.31 -0.90
C ARG D 256 -31.25 17.26 0.63
N LYS D 257 -30.95 16.10 1.20
CA LYS D 257 -30.70 15.99 2.63
C LYS D 257 -29.42 15.20 2.95
N LYS D 258 -28.62 15.74 3.87
CA LYS D 258 -27.48 15.01 4.45
C LYS D 258 -27.95 13.72 5.13
N GLN D 259 -27.20 12.64 4.94
CA GLN D 259 -27.33 11.50 5.86
C GLN D 259 -26.99 11.92 7.29
N LEU D 260 -27.98 11.80 8.16
CA LEU D 260 -27.83 12.03 9.59
C LEU D 260 -28.16 10.71 10.32
N ASP D 261 -28.13 10.74 11.65
CA ASP D 261 -28.18 9.52 12.48
C ASP D 261 -29.58 9.35 13.08
PG ATP E . 31.12 0.61 5.36
O1G ATP E . 31.21 2.13 5.34
O2G ATP E . 32.39 -0.08 4.95
O3G ATP E . 29.85 0.04 4.75
PB ATP E . 30.67 -1.27 7.37
O1B ATP E . 30.26 -2.07 6.16
O2B ATP E . 31.85 -1.75 8.21
O3B ATP E . 30.98 0.25 6.92
PA ATP E . 28.04 -0.26 8.00
O1A ATP E . 27.71 -0.30 6.52
O2A ATP E . 28.10 1.08 8.71
O3A ATP E . 29.40 -1.08 8.35
O5' ATP E . 26.97 -1.19 8.74
C5' ATP E . 25.58 -0.96 8.55
C4' ATP E . 24.90 -2.17 7.92
O4' ATP E . 23.72 -2.44 8.67
C3' ATP E . 24.45 -1.92 6.48
O3' ATP E . 24.49 -3.15 5.73
C2' ATP E . 22.99 -1.58 6.61
O2' ATP E . 22.27 -1.96 5.43
C1' ATP E . 22.59 -2.39 7.81
N9 ATP E . 21.49 -1.74 8.51
C8 ATP E . 21.43 -0.44 8.83
N7 ATP E . 20.29 -0.18 9.51
C5 ATP E . 19.61 -1.33 9.61
C6 ATP E . 18.32 -1.74 10.22
N6 ATP E . 17.54 -0.82 10.80
N1 ATP E . 17.96 -3.03 10.07
C2 ATP E . 18.78 -3.96 9.47
N3 ATP E . 19.93 -3.64 8.88
C4 ATP E . 20.40 -2.36 8.94
MG MG F . 28.64 -2.15 4.62
PG ATP G . 9.95 11.05 0.94
O1G ATP G . 10.04 12.20 1.92
O2G ATP G . 9.89 11.46 -0.52
O3G ATP G . 8.92 9.99 1.30
PB ATP G . 12.39 10.31 2.31
O1B ATP G . 11.80 11.11 3.45
O2B ATP G . 12.85 8.89 2.49
O3B ATP G . 11.38 10.28 1.05
PA ATP G . 14.08 12.63 2.31
O1A ATP G . 15.12 12.50 3.42
O2A ATP G . 12.79 13.36 2.61
O3A ATP G . 13.68 11.14 1.78
O5' ATP G . 14.79 13.29 1.02
C5' ATP G . 16.20 13.22 0.77
C4' ATP G . 16.50 12.45 -0.51
O4' ATP G . 17.76 12.83 -1.10
C3' ATP G . 16.57 10.94 -0.28
O3' ATP G . 15.60 10.30 -1.12
C2' ATP G . 17.98 10.54 -0.67
O2' ATP G . 18.05 9.30 -1.35
C1' ATP G . 18.43 11.65 -1.61
N9 ATP G . 19.90 11.79 -1.56
C8 ATP G . 20.66 11.74 -0.42
N7 ATP G . 21.95 12.01 -0.71
C5 ATP G . 22.05 12.22 -2.04
C6 ATP G . 23.13 12.61 -2.97
N6 ATP G . 24.41 12.74 -2.49
N1 ATP G . 22.82 12.79 -4.30
C2 ATP G . 21.55 12.75 -4.71
N3 ATP G . 20.51 12.39 -3.90
C4 ATP G . 20.69 12.08 -2.60
PG ATP H . -16.51 5.94 -0.06
O1G ATP H . -17.35 6.92 0.71
O2G ATP H . -16.04 4.75 0.74
O3G ATP H . -15.43 6.57 -0.92
PB ATP H . -18.02 6.15 -2.42
O1B ATP H . -19.39 5.63 -2.79
O2B ATP H . -17.77 7.62 -2.20
O3B ATP H . -17.55 5.32 -1.12
PA ATP H . -17.27 4.33 -4.34
O1A ATP H . -17.22 3.12 -3.45
O2A ATP H . -16.41 4.42 -5.58
O3A ATP H . -16.94 5.66 -3.50
O5' ATP H . -18.81 4.58 -4.73
C5' ATP H . -19.22 5.09 -5.98
C4' ATP H . -20.69 4.73 -6.19
O4' ATP H . -20.85 4.04 -7.43
C3' ATP H . -21.18 3.76 -5.12
O3' ATP H . -22.29 4.34 -4.44
C2' ATP H . -21.61 2.51 -5.86
O2' ATP H . -22.86 1.99 -5.41
C1' ATP H . -21.82 3.02 -7.27
N9 ATP H . -21.66 1.99 -8.28
C8 ATP H . -20.64 1.13 -8.39
N7 ATP H . -20.85 0.30 -9.45
C5 ATP H . -21.91 0.76 -10.13
C6 ATP H . -22.63 0.38 -11.36
N6 ATP H . -22.16 -0.63 -12.13
N1 ATP H . -23.74 1.08 -11.70
C2 ATP H . -24.20 2.09 -10.93
N3 ATP H . -23.61 2.46 -9.77
C4 ATP H . -22.47 1.86 -9.33
PG ATP I . -21.64 -14.61 -5.73
O1G ATP I . -22.09 -14.01 -7.04
O2G ATP I . -21.11 -16.04 -5.83
O3G ATP I . -22.57 -14.33 -4.58
PB ATP I . -18.92 -14.55 -5.72
O1B ATP I . -19.08 -15.46 -6.91
O2B ATP I . -17.83 -13.50 -5.64
O3B ATP I . -20.31 -13.81 -5.37
PA ATP I . -17.23 -15.74 -3.89
O1A ATP I . -16.34 -14.62 -4.38
O2A ATP I . -16.79 -17.17 -4.09
O3A ATP I . -18.71 -15.56 -4.49
O5' ATP I . -17.61 -15.47 -2.34
C5' ATP I . -17.84 -14.11 -1.96
C4' ATP I . -18.91 -14.01 -0.88
O4' ATP I . -18.30 -13.48 0.30
C3' ATP I . -19.99 -13.02 -1.28
O3' ATP I . -21.28 -13.57 -1.04
C2' ATP I . -19.86 -11.85 -0.35
O2' ATP I . -21.21 -11.47 -0.01
C1' ATP I . -19.10 -12.43 0.82
N9 ATP I . -18.22 -11.50 1.54
C8 ATP I . -17.28 -10.70 1.01
N7 ATP I . -16.63 -10.00 1.99
C5 ATP I . -17.06 -10.49 3.18
C6 ATP I . -16.84 -10.20 4.61
N6 ATP I . -15.87 -9.32 4.99
N1 ATP I . -17.59 -10.88 5.52
C2 ATP I . -18.56 -11.73 5.17
N3 ATP I . -18.87 -11.97 3.89
C4 ATP I . -18.15 -11.44 2.87
#